data_1GDE
#
_entry.id   1GDE
#
_cell.length_a   59.330
_cell.length_b   121.900
_cell.length_c   127.000
_cell.angle_alpha   90.00
_cell.angle_beta   90.00
_cell.angle_gamma   90.00
#
_symmetry.space_group_name_H-M   'P 21 21 21'
#
loop_
_entity.id
_entity.type
_entity.pdbx_description
1 polymer 'ASPARTATE AMINOTRANSFERASE'
2 non-polymer 'GLUTAMIC ACID'
3 non-polymer "PYRIDOXAL-5'-PHOSPHATE"
4 water water
#
_entity_poly.entity_id   1
_entity_poly.type   'polypeptide(L)'
_entity_poly.pdbx_seq_one_letter_code
;MALSDRLELVSASEIRKLFDIAAGMKDVISLGIGEPDFDTPQHIKEYAKEALDKGLTHYGPNIGLLELREAIAEKLKKQN
GIEADPKTEIMVLLGANQAFLMGLSAFLKDGEEVLIPTPAFVSYAPAVILAGGKPVEVPTYEEDEFRLNVDELKKYVTDK
TRALIINSPCNPTGAVLTKKDLEEIADFVVEHDLIVISDEVYEHFIYDDARHYSIASLDGMFERTITVNGFSKTFAMTGW
RLGFVAAPSWIIERMVKFQMYNATCPVTFIQYAAAKALKDERSWKAVEEMRKEYDRRRKLVWKRLNEMGLPTVKPKGAFY
IFPRIRDTGLTSKKFSELMLKEARVAVVPGSAFGKAGEGYVRISYATAYEKLEEAMDRMERVLKERKLV
;
_entity_poly.pdbx_strand_id   A,B
#
loop_
_chem_comp.id
_chem_comp.type
_chem_comp.name
_chem_comp.formula
PLP non-polymer PYRIDOXAL-5'-PHOSPHATE 'C8 H10 N O6 P'
#
# COMPACT_ATOMS: atom_id res chain seq x y z
N ALA A 2 -5.21 -10.05 17.61
CA ALA A 2 -5.42 -8.89 16.69
C ALA A 2 -4.13 -8.67 15.92
N LEU A 3 -4.20 -7.81 14.90
CA LEU A 3 -3.03 -7.52 14.09
C LEU A 3 -1.87 -7.00 14.93
N SER A 4 -2.15 -6.20 15.95
CA SER A 4 -1.11 -5.64 16.80
C SER A 4 -0.31 -6.74 17.49
N ASP A 5 -0.98 -7.78 17.98
CA ASP A 5 -0.30 -8.89 18.65
C ASP A 5 0.56 -9.66 17.67
N ARG A 6 0.05 -9.80 16.46
CA ARG A 6 0.77 -10.52 15.40
C ARG A 6 2.01 -9.72 15.04
N LEU A 7 1.85 -8.41 14.93
CA LEU A 7 2.93 -7.54 14.59
C LEU A 7 4.01 -7.61 15.67
N GLU A 8 3.59 -7.73 16.94
CA GLU A 8 4.54 -7.80 18.06
C GLU A 8 5.33 -9.12 18.00
N LEU A 9 4.73 -10.14 17.37
CA LEU A 9 5.37 -11.45 17.21
C LEU A 9 6.41 -11.48 16.10
N VAL A 10 6.28 -10.57 15.13
CA VAL A 10 7.23 -10.49 14.03
C VAL A 10 8.53 -9.92 14.59
N SER A 11 9.61 -10.67 14.42
CA SER A 11 10.90 -10.25 14.94
C SER A 11 11.49 -9.06 14.18
N ALA A 12 12.32 -8.28 14.87
CA ALA A 12 12.97 -7.12 14.30
C ALA A 12 13.91 -7.52 13.15
N SER A 13 13.98 -6.65 12.14
CA SER A 13 14.81 -6.90 10.96
C SER A 13 16.31 -6.76 11.14
N GLU A 14 17.04 -7.84 10.85
CA GLU A 14 18.51 -7.88 10.95
C GLU A 14 19.13 -6.97 9.88
N ILE A 15 18.40 -6.79 8.77
CA ILE A 15 18.86 -5.96 7.69
C ILE A 15 18.87 -4.47 8.08
N ARG A 16 17.81 -3.99 8.73
CA ARG A 16 17.78 -2.60 9.14
C ARG A 16 18.83 -2.34 10.21
N LYS A 17 19.07 -3.33 11.06
CA LYS A 17 20.07 -3.20 12.11
C LYS A 17 21.44 -2.99 11.45
N LEU A 18 21.67 -3.73 10.36
CA LEU A 18 22.91 -3.64 9.59
C LEU A 18 23.00 -2.26 8.96
N PHE A 19 21.89 -1.82 8.37
CA PHE A 19 21.82 -0.51 7.70
C PHE A 19 21.94 0.67 8.66
N ASP A 20 21.47 0.49 9.89
CA ASP A 20 21.55 1.55 10.89
C ASP A 20 23.00 1.83 11.23
N ILE A 21 23.73 0.77 11.56
CA ILE A 21 25.14 0.84 11.92
C ILE A 21 26.00 1.36 10.77
N ALA A 22 25.85 0.74 9.60
CA ALA A 22 26.61 1.09 8.40
C ALA A 22 26.31 2.50 7.89
N ALA A 23 25.19 3.07 8.34
CA ALA A 23 24.74 4.42 7.93
C ALA A 23 25.75 5.52 8.26
N GLY A 24 26.20 5.57 9.51
CA GLY A 24 27.14 6.59 9.94
C GLY A 24 28.60 6.31 9.60
N MET A 25 28.90 5.05 9.28
CA MET A 25 30.25 4.66 8.94
C MET A 25 30.71 5.16 7.58
N LYS A 26 31.94 5.68 7.55
CA LYS A 26 32.50 6.19 6.32
C LYS A 26 33.25 5.10 5.56
N ASP A 27 33.28 5.23 4.24
CA ASP A 27 33.98 4.28 3.35
C ASP A 27 33.42 2.86 3.31
N VAL A 28 32.11 2.72 3.53
CA VAL A 28 31.49 1.39 3.49
C VAL A 28 30.92 1.10 2.11
N ILE A 29 31.24 -0.08 1.58
CA ILE A 29 30.70 -0.49 0.30
C ILE A 29 29.55 -1.44 0.65
N SER A 30 28.34 -1.03 0.29
CA SER A 30 27.16 -1.81 0.58
C SER A 30 26.86 -2.92 -0.42
N LEU A 31 26.81 -4.15 0.09
CA LEU A 31 26.49 -5.31 -0.70
C LEU A 31 25.22 -5.94 -0.15
N GLY A 32 24.45 -5.15 0.60
CA GLY A 32 23.23 -5.64 1.20
C GLY A 32 21.96 -5.04 0.62
N ILE A 33 22.08 -4.23 -0.42
CA ILE A 33 20.91 -3.59 -1.05
C ILE A 33 20.25 -4.51 -2.07
N GLY A 34 19.01 -4.90 -1.81
CA GLY A 34 18.29 -5.78 -2.72
C GLY A 34 17.45 -5.06 -3.76
N GLU A 35 18.10 -4.28 -4.62
CA GLU A 35 17.42 -3.54 -5.70
C GLU A 35 18.39 -3.15 -6.81
N PRO A 36 17.87 -2.96 -8.04
CA PRO A 36 18.71 -2.59 -9.20
C PRO A 36 19.44 -1.26 -8.99
N ASP A 37 20.69 -1.22 -9.41
CA ASP A 37 21.49 -0.02 -9.30
C ASP A 37 21.25 0.82 -10.55
N PHE A 38 20.70 0.19 -11.58
CA PHE A 38 20.40 0.85 -12.85
C PHE A 38 19.23 1.82 -12.68
N ASP A 39 19.21 2.86 -13.51
CA ASP A 39 18.10 3.79 -13.46
C ASP A 39 17.03 3.21 -14.37
N THR A 40 15.80 3.69 -14.22
CA THR A 40 14.71 3.23 -15.05
C THR A 40 14.97 3.67 -16.48
N PRO A 41 14.76 2.77 -17.47
CA PRO A 41 14.99 3.13 -18.87
C PRO A 41 14.28 4.43 -19.23
N GLN A 42 15.00 5.32 -19.90
CA GLN A 42 14.49 6.61 -20.29
C GLN A 42 13.14 6.60 -20.99
N HIS A 43 12.91 5.66 -21.88
CA HIS A 43 11.64 5.60 -22.60
C HIS A 43 10.45 5.38 -21.67
N ILE A 44 10.68 4.66 -20.57
CA ILE A 44 9.62 4.39 -19.60
C ILE A 44 9.36 5.68 -18.82
N LYS A 45 10.41 6.43 -18.53
CA LYS A 45 10.26 7.71 -17.83
C LYS A 45 9.43 8.64 -18.72
N GLU A 46 9.70 8.60 -20.03
CA GLU A 46 8.98 9.43 -21.00
C GLU A 46 7.48 9.09 -21.08
N TYR A 47 7.14 7.80 -20.96
CA TYR A 47 5.72 7.39 -20.99
C TYR A 47 4.99 7.92 -19.74
N ALA A 48 5.71 8.04 -18.63
CA ALA A 48 5.11 8.55 -17.39
C ALA A 48 4.84 10.05 -17.50
N LYS A 49 5.78 10.75 -18.13
CA LYS A 49 5.65 12.17 -18.35
C LYS A 49 4.47 12.42 -19.29
N GLU A 50 4.30 11.52 -20.26
CA GLU A 50 3.21 11.61 -21.20
C GLU A 50 1.89 11.38 -20.49
N ALA A 51 1.88 10.43 -19.56
CA ALA A 51 0.68 10.14 -18.81
C ALA A 51 0.32 11.35 -17.96
N LEU A 52 1.33 12.03 -17.42
CA LEU A 52 1.11 13.22 -16.62
C LEU A 52 0.48 14.29 -17.50
N ASP A 53 0.97 14.40 -18.73
CA ASP A 53 0.46 15.37 -19.72
C ASP A 53 -0.97 15.02 -20.12
N LYS A 54 -1.30 13.73 -20.09
CA LYS A 54 -2.63 13.25 -20.43
C LYS A 54 -3.63 13.43 -19.27
N GLY A 55 -3.13 13.93 -18.14
CA GLY A 55 -3.97 14.17 -16.98
C GLY A 55 -4.39 12.92 -16.22
N LEU A 56 -3.58 11.86 -16.29
CA LEU A 56 -3.91 10.58 -15.60
C LEU A 56 -3.45 10.63 -14.15
N THR A 57 -4.14 11.48 -13.38
CA THR A 57 -3.83 11.73 -11.99
C THR A 57 -4.99 11.48 -11.03
N HIS A 58 -6.05 10.84 -11.51
CA HIS A 58 -7.21 10.58 -10.67
C HIS A 58 -7.22 9.11 -10.24
N TYR A 59 -8.19 8.71 -9.42
CA TYR A 59 -8.28 7.31 -8.95
C TYR A 59 -8.49 6.39 -10.15
N GLY A 60 -7.99 5.17 -10.01
CA GLY A 60 -8.16 4.16 -11.03
C GLY A 60 -8.85 3.02 -10.28
N PRO A 61 -9.26 1.94 -10.95
CA PRO A 61 -9.93 0.83 -10.25
C PRO A 61 -9.06 0.22 -9.16
N ASN A 62 -9.69 -0.36 -8.12
CA ASN A 62 -8.95 -1.01 -7.02
C ASN A 62 -8.06 -2.12 -7.58
N ILE A 63 -8.57 -2.80 -8.59
CA ILE A 63 -7.87 -3.90 -9.22
C ILE A 63 -6.77 -3.43 -10.19
N GLY A 64 -6.78 -2.14 -10.52
CA GLY A 64 -5.77 -1.57 -11.41
C GLY A 64 -6.33 -1.15 -12.77
N LEU A 65 -5.55 -0.40 -13.54
CA LEU A 65 -5.96 0.07 -14.88
C LEU A 65 -6.18 -1.13 -15.78
N LEU A 66 -7.31 -1.15 -16.47
CA LEU A 66 -7.63 -2.24 -17.36
C LEU A 66 -6.55 -2.39 -18.43
N GLU A 67 -6.07 -1.26 -18.97
CA GLU A 67 -5.00 -1.29 -20.02
C GLU A 67 -3.75 -2.03 -19.54
N LEU A 68 -3.38 -1.79 -18.29
CA LEU A 68 -2.22 -2.45 -17.73
C LEU A 68 -2.51 -3.93 -17.50
N ARG A 69 -3.71 -4.25 -16.99
CA ARG A 69 -4.09 -5.64 -16.75
C ARG A 69 -4.11 -6.43 -18.06
N GLU A 70 -4.50 -5.77 -19.15
CA GLU A 70 -4.54 -6.41 -20.45
C GLU A 70 -3.12 -6.65 -20.94
N ALA A 71 -2.24 -5.67 -20.72
CA ALA A 71 -0.82 -5.78 -21.12
C ALA A 71 -0.17 -6.92 -20.33
N ILE A 72 -0.49 -7.00 -19.04
CA ILE A 72 0.04 -8.04 -18.16
C ILE A 72 -0.43 -9.42 -18.62
N ALA A 73 -1.71 -9.53 -18.99
CA ALA A 73 -2.27 -10.81 -19.47
C ALA A 73 -1.48 -11.31 -20.68
N GLU A 74 -1.09 -10.39 -21.55
CA GLU A 74 -0.32 -10.74 -22.73
C GLU A 74 1.08 -11.22 -22.35
N LYS A 75 1.72 -10.53 -21.41
CA LYS A 75 3.06 -10.88 -20.96
C LYS A 75 3.05 -12.25 -20.25
N LEU A 76 2.04 -12.48 -19.41
CA LEU A 76 1.89 -13.74 -18.69
C LEU A 76 1.68 -14.91 -19.63
N LYS A 77 0.91 -14.70 -20.69
CA LYS A 77 0.67 -15.75 -21.65
C LYS A 77 1.91 -16.06 -22.48
N LYS A 78 2.51 -15.04 -23.06
CA LYS A 78 3.69 -15.18 -23.89
C LYS A 78 4.94 -15.62 -23.16
N GLN A 79 5.29 -14.93 -22.09
CA GLN A 79 6.48 -15.25 -21.37
C GLN A 79 6.37 -16.37 -20.36
N ASN A 80 5.18 -16.53 -19.77
CA ASN A 80 4.99 -17.53 -18.73
C ASN A 80 4.03 -18.67 -18.99
N GLY A 81 3.35 -18.64 -20.13
CA GLY A 81 2.39 -19.69 -20.43
C GLY A 81 1.20 -19.70 -19.49
N ILE A 82 0.93 -18.56 -18.86
CA ILE A 82 -0.19 -18.44 -17.93
C ILE A 82 -1.32 -17.69 -18.62
N GLU A 83 -2.47 -18.34 -18.71
CA GLU A 83 -3.65 -17.74 -19.31
C GLU A 83 -4.49 -17.14 -18.17
N ALA A 84 -4.59 -15.82 -18.15
CA ALA A 84 -5.34 -15.11 -17.10
C ALA A 84 -6.24 -14.03 -17.68
N ASP A 85 -7.48 -13.96 -17.18
CA ASP A 85 -8.44 -12.98 -17.61
C ASP A 85 -8.12 -11.65 -16.94
N PRO A 86 -7.79 -10.61 -17.72
CA PRO A 86 -7.44 -9.29 -17.17
C PRO A 86 -8.55 -8.59 -16.39
N LYS A 87 -9.81 -8.92 -16.69
CA LYS A 87 -10.91 -8.31 -16.02
C LYS A 87 -11.18 -8.87 -14.62
N THR A 88 -10.81 -10.13 -14.39
CA THR A 88 -11.10 -10.77 -13.10
C THR A 88 -10.00 -11.55 -12.39
N GLU A 89 -8.92 -11.87 -13.10
CA GLU A 89 -7.81 -12.67 -12.52
C GLU A 89 -6.44 -12.01 -12.44
N ILE A 90 -6.36 -10.72 -12.72
CA ILE A 90 -5.10 -9.98 -12.67
C ILE A 90 -5.34 -8.71 -11.84
N MET A 91 -4.49 -8.50 -10.84
CA MET A 91 -4.58 -7.33 -9.99
C MET A 91 -3.25 -6.59 -9.88
N VAL A 92 -3.30 -5.28 -10.08
CA VAL A 92 -2.12 -4.47 -9.99
C VAL A 92 -1.94 -4.02 -8.53
N LEU A 93 -0.70 -4.02 -8.04
CA LEU A 93 -0.40 -3.65 -6.65
C LEU A 93 0.68 -2.58 -6.46
N LEU A 94 0.78 -2.06 -5.25
CA LEU A 94 1.81 -1.05 -4.90
C LEU A 94 3.07 -1.86 -4.55
N GLY A 95 3.67 -2.42 -5.59
CA GLY A 95 4.85 -3.26 -5.44
C GLY A 95 4.38 -4.69 -5.25
N ALA A 96 5.20 -5.65 -5.67
CA ALA A 96 4.87 -7.08 -5.52
C ALA A 96 4.79 -7.46 -4.04
N ASN A 97 5.50 -6.71 -3.20
CA ASN A 97 5.54 -6.97 -1.76
C ASN A 97 4.15 -7.08 -1.11
N GLN A 98 3.20 -6.28 -1.57
CA GLN A 98 1.84 -6.30 -1.03
C GLN A 98 1.13 -7.64 -1.21
N ALA A 99 1.52 -8.40 -2.23
CA ALA A 99 0.89 -9.67 -2.55
C ALA A 99 0.86 -10.74 -1.47
N PHE A 100 1.89 -10.81 -0.63
CA PHE A 100 1.95 -11.85 0.40
C PHE A 100 0.93 -11.69 1.50
N LEU A 101 0.89 -10.50 2.10
CA LEU A 101 -0.07 -10.22 3.18
C LEU A 101 -1.51 -10.32 2.65
N MET A 102 -1.79 -9.60 1.56
CA MET A 102 -3.14 -9.57 0.98
C MET A 102 -3.57 -10.87 0.32
N GLY A 103 -2.63 -11.58 -0.30
CA GLY A 103 -2.96 -12.84 -0.95
C GLY A 103 -3.28 -13.91 0.08
N LEU A 104 -2.48 -13.98 1.13
CA LEU A 104 -2.70 -14.97 2.18
C LEU A 104 -4.01 -14.66 2.91
N SER A 105 -4.30 -13.38 3.08
CA SER A 105 -5.50 -12.95 3.79
C SER A 105 -6.80 -13.30 3.07
N ALA A 106 -6.70 -13.81 1.84
CA ALA A 106 -7.85 -14.20 1.08
C ALA A 106 -8.36 -15.58 1.54
N PHE A 107 -7.54 -16.32 2.29
CA PHE A 107 -7.96 -17.65 2.72
C PHE A 107 -7.43 -18.24 4.03
N LEU A 108 -6.22 -17.84 4.43
CA LEU A 108 -5.60 -18.38 5.63
C LEU A 108 -6.41 -18.23 6.92
N LYS A 109 -6.60 -19.36 7.60
CA LYS A 109 -7.35 -19.38 8.84
C LYS A 109 -6.42 -19.48 10.04
N ASP A 110 -6.99 -19.25 11.22
CA ASP A 110 -6.25 -19.29 12.48
C ASP A 110 -5.39 -20.53 12.63
N GLY A 111 -4.10 -20.32 12.88
CA GLY A 111 -3.16 -21.40 13.09
C GLY A 111 -2.75 -22.26 11.91
N GLU A 112 -3.33 -22.02 10.73
CA GLU A 112 -2.97 -22.79 9.54
C GLU A 112 -1.52 -22.53 9.19
N GLU A 113 -0.81 -23.58 8.77
CA GLU A 113 0.57 -23.48 8.46
C GLU A 113 0.91 -23.20 7.00
N VAL A 114 1.96 -22.41 6.81
CA VAL A 114 2.43 -22.06 5.51
C VAL A 114 3.89 -22.47 5.42
N LEU A 115 4.17 -23.37 4.49
CA LEU A 115 5.52 -23.85 4.27
C LEU A 115 6.33 -22.77 3.54
N ILE A 116 7.50 -22.47 4.08
CA ILE A 116 8.37 -21.48 3.54
C ILE A 116 9.78 -22.01 3.38
N PRO A 117 10.13 -22.44 2.16
CA PRO A 117 11.46 -22.97 1.86
C PRO A 117 12.48 -21.89 2.19
N THR A 118 13.50 -22.25 2.95
CA THR A 118 14.53 -21.30 3.36
C THR A 118 15.91 -21.75 2.86
N PRO A 119 16.86 -20.81 2.70
CA PRO A 119 16.80 -19.35 2.94
C PRO A 119 15.73 -18.69 2.05
N ALA A 120 14.99 -17.74 2.61
CA ALA A 120 13.91 -17.10 1.88
C ALA A 120 13.78 -15.60 2.11
N PHE A 121 13.09 -14.94 1.18
CA PHE A 121 12.86 -13.53 1.24
C PHE A 121 12.22 -13.21 2.60
N VAL A 122 12.66 -12.11 3.17
CA VAL A 122 12.24 -11.66 4.49
C VAL A 122 10.77 -11.33 4.75
N SER A 123 9.96 -11.10 3.72
CA SER A 123 8.55 -10.75 3.92
C SER A 123 7.59 -11.92 4.12
N TYR A 124 8.02 -13.11 3.72
CA TYR A 124 7.19 -14.30 3.80
C TYR A 124 6.67 -14.67 5.18
N ALA A 125 7.58 -14.99 6.10
CA ALA A 125 7.16 -15.38 7.48
C ALA A 125 6.32 -14.29 8.17
N PRO A 126 6.77 -13.03 8.15
CA PRO A 126 5.98 -11.96 8.78
C PRO A 126 4.58 -11.83 8.17
N ALA A 127 4.47 -12.00 6.84
CA ALA A 127 3.17 -11.90 6.17
C ALA A 127 2.24 -13.01 6.65
N VAL A 128 2.78 -14.21 6.82
CA VAL A 128 2.01 -15.35 7.31
C VAL A 128 1.51 -15.05 8.72
N ILE A 129 2.42 -14.58 9.57
CA ILE A 129 2.09 -14.23 10.94
C ILE A 129 1.00 -13.16 10.98
N LEU A 130 1.17 -12.09 10.20
CA LEU A 130 0.17 -11.02 10.16
C LEU A 130 -1.21 -11.50 9.67
N ALA A 131 -1.21 -12.42 8.69
CA ALA A 131 -2.45 -12.96 8.14
C ALA A 131 -3.17 -13.82 9.17
N GLY A 132 -2.45 -14.30 10.17
CA GLY A 132 -3.04 -15.11 11.21
C GLY A 132 -2.61 -16.57 11.24
N GLY A 133 -1.66 -16.93 10.40
CA GLY A 133 -1.18 -18.30 10.35
C GLY A 133 0.14 -18.55 11.04
N LYS A 134 0.70 -19.73 10.79
CA LYS A 134 1.94 -20.14 11.37
C LYS A 134 2.99 -20.46 10.30
N PRO A 135 4.07 -19.67 10.25
CA PRO A 135 5.10 -19.93 9.25
C PRO A 135 5.93 -21.15 9.65
N VAL A 136 6.18 -22.02 8.67
CA VAL A 136 6.93 -23.22 8.89
C VAL A 136 8.08 -23.25 7.88
N GLU A 137 9.29 -23.04 8.38
CA GLU A 137 10.47 -23.03 7.51
C GLU A 137 10.95 -24.43 7.09
N VAL A 138 11.13 -24.61 5.79
CA VAL A 138 11.58 -25.86 5.23
C VAL A 138 12.94 -25.58 4.60
N PRO A 139 14.01 -26.17 5.15
CA PRO A 139 15.37 -25.99 4.64
C PRO A 139 15.67 -26.49 3.23
N THR A 140 16.51 -25.74 2.52
CA THR A 140 17.01 -26.12 1.19
C THR A 140 18.51 -26.22 1.45
N TYR A 141 19.21 -27.03 0.65
CA TYR A 141 20.63 -27.25 0.88
C TYR A 141 21.60 -26.85 -0.21
N GLU A 142 22.82 -26.53 0.25
CA GLU A 142 23.88 -26.12 -0.63
C GLU A 142 24.18 -27.18 -1.69
N GLU A 143 24.15 -28.44 -1.29
CA GLU A 143 24.42 -29.53 -2.22
C GLU A 143 23.36 -29.65 -3.32
N ASP A 144 22.18 -29.09 -3.08
CA ASP A 144 21.11 -29.09 -4.08
C ASP A 144 21.09 -27.71 -4.78
N GLU A 145 22.15 -26.94 -4.56
CA GLU A 145 22.27 -25.58 -5.11
C GLU A 145 21.10 -24.73 -4.61
N PHE A 146 20.64 -25.08 -3.42
CA PHE A 146 19.53 -24.43 -2.72
C PHE A 146 18.17 -24.56 -3.38
N ARG A 147 18.04 -25.53 -4.28
CA ARG A 147 16.79 -25.80 -4.95
C ARG A 147 15.93 -26.62 -3.98
N LEU A 148 14.68 -26.20 -3.79
CA LEU A 148 13.75 -26.91 -2.89
C LEU A 148 13.56 -28.37 -3.29
N ASN A 149 13.64 -29.25 -2.30
CA ASN A 149 13.48 -30.69 -2.49
C ASN A 149 12.12 -31.09 -1.88
N VAL A 150 11.24 -31.68 -2.69
CA VAL A 150 9.91 -32.10 -2.19
C VAL A 150 9.96 -33.05 -0.99
N ASP A 151 11.03 -33.84 -0.90
CA ASP A 151 11.18 -34.76 0.22
C ASP A 151 11.32 -33.99 1.55
N GLU A 152 11.88 -32.78 1.47
CA GLU A 152 12.05 -31.95 2.67
C GLU A 152 10.70 -31.36 3.08
N LEU A 153 9.90 -30.99 2.09
CA LEU A 153 8.57 -30.45 2.34
C LEU A 153 7.73 -31.48 3.09
N LYS A 154 7.89 -32.74 2.70
CA LYS A 154 7.16 -33.86 3.29
C LYS A 154 7.40 -34.02 4.79
N LYS A 155 8.55 -33.56 5.25
CA LYS A 155 8.89 -33.64 6.65
C LYS A 155 8.04 -32.68 7.49
N TYR A 156 7.69 -31.55 6.90
CA TYR A 156 6.94 -30.49 7.58
C TYR A 156 5.43 -30.40 7.40
N VAL A 157 4.87 -31.23 6.54
CA VAL A 157 3.44 -31.19 6.30
C VAL A 157 2.67 -31.73 7.48
N THR A 158 1.53 -31.10 7.78
CA THR A 158 0.65 -31.53 8.85
C THR A 158 -0.75 -31.32 8.32
N ASP A 159 -1.72 -31.68 9.17
CA ASP A 159 -3.10 -31.52 8.84
C ASP A 159 -3.46 -30.03 8.78
N LYS A 160 -2.62 -29.20 9.40
CA LYS A 160 -2.83 -27.76 9.45
C LYS A 160 -2.26 -27.01 8.25
N THR A 161 -1.42 -27.66 7.45
CA THR A 161 -0.81 -27.01 6.30
C THR A 161 -1.84 -26.56 5.27
N ARG A 162 -1.77 -25.29 4.88
CA ARG A 162 -2.71 -24.75 3.94
C ARG A 162 -2.07 -24.11 2.72
N ALA A 163 -0.82 -23.68 2.87
CA ALA A 163 -0.15 -23.03 1.77
C ALA A 163 1.36 -23.24 1.74
N LEU A 164 1.95 -22.86 0.60
CA LEU A 164 3.36 -22.95 0.35
C LEU A 164 3.77 -21.71 -0.44
N ILE A 165 4.90 -21.12 -0.06
CA ILE A 165 5.41 -19.95 -0.77
C ILE A 165 6.76 -20.30 -1.38
N ILE A 166 6.85 -20.22 -2.71
CA ILE A 166 8.11 -20.51 -3.39
C ILE A 166 8.58 -19.25 -4.12
N ASN A 167 9.89 -19.13 -4.28
CA ASN A 167 10.48 -17.97 -4.93
C ASN A 167 11.59 -18.43 -5.88
N SER A 168 11.34 -18.30 -7.18
CA SER A 168 12.33 -18.69 -8.17
C SER A 168 12.28 -17.71 -9.34
N PRO A 169 13.42 -17.07 -9.67
CA PRO A 169 14.75 -17.16 -9.03
C PRO A 169 14.68 -16.72 -7.57
N CYS A 170 15.48 -17.37 -6.74
CA CYS A 170 15.46 -17.10 -5.35
C CYS A 170 16.36 -16.02 -4.75
N ASN A 171 15.79 -15.30 -3.80
CA ASN A 171 16.49 -14.31 -3.01
C ASN A 171 16.39 -15.03 -1.66
N PRO A 172 17.53 -15.18 -0.96
CA PRO A 172 18.92 -14.79 -1.18
C PRO A 172 19.93 -15.69 -1.89
N THR A 173 19.51 -16.90 -2.25
CA THR A 173 20.44 -17.90 -2.84
C THR A 173 20.74 -17.87 -4.35
N GLY A 174 19.83 -17.29 -5.12
CA GLY A 174 20.02 -17.24 -6.56
C GLY A 174 19.61 -18.55 -7.21
N ALA A 175 18.99 -19.45 -6.44
CA ALA A 175 18.54 -20.75 -6.93
C ALA A 175 17.35 -20.63 -7.89
N VAL A 176 17.37 -21.44 -8.95
CA VAL A 176 16.29 -21.46 -9.89
C VAL A 176 15.75 -22.88 -9.97
N LEU A 177 14.47 -23.03 -9.65
CA LEU A 177 13.77 -24.30 -9.71
C LEU A 177 13.68 -24.77 -11.17
N THR A 178 13.96 -26.03 -11.41
CA THR A 178 13.88 -26.56 -12.76
C THR A 178 12.43 -26.97 -13.05
N LYS A 179 12.14 -27.28 -14.31
CA LYS A 179 10.81 -27.69 -14.71
C LYS A 179 10.36 -28.89 -13.91
N LYS A 180 11.27 -29.84 -13.73
CA LYS A 180 10.95 -31.04 -12.98
C LYS A 180 10.74 -30.75 -11.50
N ASP A 181 11.51 -29.81 -10.94
CA ASP A 181 11.35 -29.40 -9.53
C ASP A 181 9.92 -28.93 -9.34
N LEU A 182 9.48 -28.06 -10.25
CA LEU A 182 8.16 -27.50 -10.20
C LEU A 182 7.05 -28.52 -10.41
N GLU A 183 7.30 -29.51 -11.26
CA GLU A 183 6.31 -30.55 -11.52
C GLU A 183 6.11 -31.39 -10.25
N GLU A 184 7.22 -31.64 -9.53
CA GLU A 184 7.18 -32.38 -8.29
C GLU A 184 6.48 -31.57 -7.21
N ILE A 185 6.81 -30.28 -7.14
CA ILE A 185 6.20 -29.37 -6.15
C ILE A 185 4.71 -29.25 -6.44
N ALA A 186 4.35 -29.18 -7.72
CA ALA A 186 2.94 -29.07 -8.12
C ALA A 186 2.15 -30.27 -7.60
N ASP A 187 2.74 -31.45 -7.72
CA ASP A 187 2.11 -32.69 -7.25
C ASP A 187 1.87 -32.67 -5.75
N PHE A 188 2.87 -32.22 -4.99
CA PHE A 188 2.77 -32.13 -3.55
C PHE A 188 1.68 -31.12 -3.15
N VAL A 189 1.61 -29.99 -3.85
CA VAL A 189 0.61 -28.93 -3.58
C VAL A 189 -0.81 -29.47 -3.79
N VAL A 190 -1.01 -30.21 -4.88
CA VAL A 190 -2.31 -30.80 -5.19
C VAL A 190 -2.67 -31.88 -4.16
N GLU A 191 -1.69 -32.73 -3.86
CA GLU A 191 -1.86 -33.81 -2.90
C GLU A 191 -2.38 -33.32 -1.56
N HIS A 192 -1.79 -32.23 -1.07
CA HIS A 192 -2.17 -31.69 0.20
C HIS A 192 -3.17 -30.54 0.15
N ASP A 193 -3.75 -30.31 -1.02
CA ASP A 193 -4.74 -29.26 -1.21
C ASP A 193 -4.29 -27.90 -0.68
N LEU A 194 -3.08 -27.51 -1.08
CA LEU A 194 -2.51 -26.28 -0.68
C LEU A 194 -2.68 -25.22 -1.75
N ILE A 195 -2.46 -23.98 -1.35
CA ILE A 195 -2.47 -22.86 -2.25
C ILE A 195 -0.97 -22.54 -2.29
N VAL A 196 -0.43 -22.33 -3.48
CA VAL A 196 0.97 -22.03 -3.62
C VAL A 196 1.12 -20.61 -4.15
N ILE A 197 2.00 -19.83 -3.52
CA ILE A 197 2.26 -18.47 -3.95
C ILE A 197 3.63 -18.53 -4.57
N SER A 198 3.73 -18.13 -5.84
CA SER A 198 4.98 -18.17 -6.56
C SER A 198 5.50 -16.78 -6.86
N ASP A 199 6.60 -16.40 -6.20
CA ASP A 199 7.21 -15.08 -6.38
C ASP A 199 8.25 -15.13 -7.52
N GLU A 200 7.86 -14.58 -8.67
CA GLU A 200 8.68 -14.59 -9.86
C GLU A 200 9.25 -13.25 -10.31
N VAL A 201 9.45 -12.32 -9.36
CA VAL A 201 9.96 -10.97 -9.69
C VAL A 201 11.34 -10.94 -10.36
N TYR A 202 12.14 -11.98 -10.16
CA TYR A 202 13.50 -12.03 -10.75
C TYR A 202 13.59 -12.87 -12.02
N GLU A 203 12.45 -13.27 -12.55
CA GLU A 203 12.38 -14.14 -13.76
C GLU A 203 13.31 -13.79 -14.92
N HIS A 204 13.50 -12.50 -15.18
CA HIS A 204 14.34 -12.09 -16.30
C HIS A 204 15.84 -12.10 -16.08
N PHE A 205 16.26 -12.22 -14.83
CA PHE A 205 17.65 -12.27 -14.51
C PHE A 205 18.00 -13.71 -14.17
N ILE A 206 18.26 -14.46 -15.24
CA ILE A 206 18.61 -15.87 -15.18
C ILE A 206 19.84 -16.07 -16.04
N TYR A 207 20.68 -17.01 -15.63
CA TYR A 207 21.92 -17.24 -16.31
C TYR A 207 22.18 -18.71 -16.59
N ASP A 208 23.32 -18.97 -17.23
CA ASP A 208 23.75 -20.32 -17.58
C ASP A 208 22.65 -21.06 -18.36
N ASP A 209 22.26 -22.23 -17.89
CA ASP A 209 21.24 -23.01 -18.54
C ASP A 209 19.92 -22.98 -17.78
N ALA A 210 19.74 -21.95 -16.96
CA ALA A 210 18.50 -21.80 -16.19
C ALA A 210 17.41 -21.23 -17.07
N ARG A 211 16.17 -21.57 -16.75
CA ARG A 211 15.03 -21.09 -17.48
C ARG A 211 13.89 -20.91 -16.49
N HIS A 212 13.05 -19.91 -16.76
CA HIS A 212 11.95 -19.59 -15.88
C HIS A 212 10.59 -20.19 -16.23
N TYR A 213 10.17 -21.14 -15.39
CA TYR A 213 8.88 -21.79 -15.51
C TYR A 213 7.99 -21.26 -14.39
N SER A 214 6.70 -21.15 -14.66
CA SER A 214 5.73 -20.66 -13.70
C SER A 214 4.85 -21.84 -13.31
N ILE A 215 4.77 -22.13 -12.02
CA ILE A 215 3.97 -23.24 -11.55
C ILE A 215 2.49 -23.15 -11.95
N ALA A 216 1.96 -21.93 -12.04
CA ALA A 216 0.55 -21.71 -12.42
C ALA A 216 0.26 -22.16 -13.85
N SER A 217 1.31 -22.28 -14.66
CA SER A 217 1.17 -22.71 -16.06
C SER A 217 1.05 -24.22 -16.19
N LEU A 218 1.35 -24.94 -15.10
CA LEU A 218 1.31 -26.41 -15.10
C LEU A 218 -0.11 -26.95 -14.97
N ASP A 219 -0.29 -28.18 -15.42
CA ASP A 219 -1.58 -28.85 -15.40
C ASP A 219 -2.37 -28.65 -14.11
N GLY A 220 -3.53 -28.00 -14.24
CA GLY A 220 -4.43 -27.77 -13.12
C GLY A 220 -3.90 -26.96 -11.94
N MET A 221 -2.84 -26.20 -12.17
CA MET A 221 -2.25 -25.41 -11.13
C MET A 221 -2.80 -24.00 -11.00
N PHE A 222 -3.40 -23.47 -12.06
CA PHE A 222 -3.93 -22.10 -11.99
C PHE A 222 -4.97 -21.92 -10.88
N GLU A 223 -5.80 -22.93 -10.69
CA GLU A 223 -6.86 -22.90 -9.68
C GLU A 223 -6.38 -22.85 -8.23
N ARG A 224 -5.07 -23.07 -8.02
CA ARG A 224 -4.53 -23.06 -6.66
C ARG A 224 -3.22 -22.30 -6.53
N THR A 225 -2.97 -21.37 -7.45
CA THR A 225 -1.73 -20.61 -7.44
C THR A 225 -1.94 -19.10 -7.48
N ILE A 226 -1.10 -18.38 -6.73
CA ILE A 226 -1.10 -16.92 -6.77
C ILE A 226 0.29 -16.60 -7.32
N THR A 227 0.34 -16.16 -8.58
CA THR A 227 1.61 -15.81 -9.21
C THR A 227 1.87 -14.34 -8.87
N VAL A 228 3.06 -14.08 -8.32
CA VAL A 228 3.44 -12.73 -7.94
C VAL A 228 4.57 -12.27 -8.85
N ASN A 229 4.49 -11.05 -9.36
CA ASN A 229 5.53 -10.51 -10.22
C ASN A 229 5.43 -8.98 -10.14
N GLY A 230 6.22 -8.28 -10.92
CA GLY A 230 6.17 -6.84 -10.86
C GLY A 230 7.23 -6.22 -11.74
N PHE A 231 7.29 -4.89 -11.70
CA PHE A 231 8.24 -4.15 -12.52
C PHE A 231 9.51 -3.66 -11.82
N SER A 232 9.54 -3.75 -10.50
CA SER A 232 10.72 -3.27 -9.70
C SER A 232 12.08 -3.76 -10.19
N LYS A 233 12.23 -5.08 -10.31
CA LYS A 233 13.50 -5.65 -10.74
C LYS A 233 13.67 -5.63 -12.25
N THR A 234 12.68 -6.18 -12.96
CA THR A 234 12.70 -6.28 -14.44
C THR A 234 13.04 -4.97 -15.17
N PHE A 235 12.33 -3.89 -14.84
CA PHE A 235 12.56 -2.58 -15.48
C PHE A 235 13.28 -1.55 -14.58
N ALA A 236 13.88 -2.01 -13.49
CA ALA A 236 14.59 -1.11 -12.53
C ALA A 236 13.63 0.02 -12.14
N MET A 237 12.46 -0.38 -11.65
CA MET A 237 11.41 0.55 -11.23
C MET A 237 11.04 0.39 -9.75
N THR A 238 12.02 0.05 -8.91
CA THR A 238 11.75 -0.15 -7.46
C THR A 238 11.05 1.05 -6.77
N GLY A 239 11.46 2.27 -7.09
CA GLY A 239 10.85 3.45 -6.49
C GLY A 239 9.49 3.81 -7.08
N TRP A 240 9.06 3.07 -8.09
CA TRP A 240 7.77 3.29 -8.77
C TRP A 240 6.63 2.55 -8.09
N ARG A 241 6.98 1.55 -7.27
CA ARG A 241 6.00 0.74 -6.50
C ARG A 241 4.91 0.13 -7.37
N LEU A 242 5.29 -0.79 -8.25
CA LEU A 242 4.36 -1.39 -9.12
C LEU A 242 4.63 -2.89 -9.32
N GLY A 243 3.66 -3.70 -8.89
CA GLY A 243 3.76 -5.14 -9.02
C GLY A 243 2.39 -5.63 -9.43
N PHE A 244 2.21 -6.95 -9.41
CA PHE A 244 0.95 -7.53 -9.79
C PHE A 244 0.86 -9.00 -9.45
N VAL A 245 -0.36 -9.52 -9.50
CA VAL A 245 -0.62 -10.95 -9.27
C VAL A 245 -1.67 -11.44 -10.28
N ALA A 246 -1.65 -12.75 -10.52
CA ALA A 246 -2.62 -13.40 -11.38
C ALA A 246 -3.08 -14.54 -10.49
N ALA A 247 -4.38 -14.69 -10.32
CA ALA A 247 -4.89 -15.73 -9.47
C ALA A 247 -6.37 -15.95 -9.76
N PRO A 248 -6.96 -17.02 -9.20
CA PRO A 248 -8.39 -17.25 -9.44
C PRO A 248 -9.16 -16.02 -8.94
N SER A 249 -10.24 -15.68 -9.64
CA SER A 249 -11.07 -14.53 -9.31
C SER A 249 -11.54 -14.47 -7.86
N TRP A 250 -11.74 -15.62 -7.23
CA TRP A 250 -12.20 -15.61 -5.85
C TRP A 250 -11.13 -15.03 -4.96
N ILE A 251 -9.87 -15.30 -5.30
CA ILE A 251 -8.73 -14.76 -4.53
C ILE A 251 -8.60 -13.26 -4.85
N ILE A 252 -8.67 -12.90 -6.13
CA ILE A 252 -8.55 -11.54 -6.57
C ILE A 252 -9.61 -10.63 -5.93
N GLU A 253 -10.86 -11.11 -5.85
CA GLU A 253 -11.96 -10.32 -5.24
C GLU A 253 -11.66 -9.96 -3.80
N ARG A 254 -11.07 -10.91 -3.07
CA ARG A 254 -10.72 -10.69 -1.68
C ARG A 254 -9.53 -9.76 -1.54
N MET A 255 -8.60 -9.80 -2.49
CA MET A 255 -7.44 -8.94 -2.44
C MET A 255 -7.84 -7.51 -2.78
N VAL A 256 -8.81 -7.35 -3.69
CA VAL A 256 -9.25 -6.03 -4.04
C VAL A 256 -10.03 -5.43 -2.89
N LYS A 257 -10.77 -6.28 -2.16
CA LYS A 257 -11.54 -5.82 -1.00
C LYS A 257 -10.60 -5.34 0.07
N PHE A 258 -9.53 -6.09 0.30
CA PHE A 258 -8.49 -5.70 1.28
C PHE A 258 -7.89 -4.35 0.85
N GLN A 259 -7.57 -4.21 -0.43
CA GLN A 259 -6.96 -2.96 -0.96
C GLN A 259 -7.83 -1.73 -0.72
N MET A 260 -9.15 -1.92 -0.72
CA MET A 260 -10.09 -0.85 -0.46
C MET A 260 -9.84 -0.22 0.93
N TYR A 261 -9.30 -1.02 1.83
CA TYR A 261 -8.99 -0.55 3.18
C TYR A 261 -7.49 -0.53 3.45
N ASN A 262 -6.72 -0.40 2.38
CA ASN A 262 -5.27 -0.37 2.46
C ASN A 262 -4.79 0.80 1.58
N ALA A 263 -4.15 0.51 0.46
CA ALA A 263 -3.65 1.57 -0.44
C ALA A 263 -4.62 2.06 -1.53
N THR A 264 -5.81 1.45 -1.58
CA THR A 264 -6.88 1.78 -2.56
C THR A 264 -6.60 1.35 -4.00
N CYS A 265 -5.54 1.89 -4.59
CA CYS A 265 -5.16 1.56 -5.97
C CYS A 265 -3.74 2.06 -6.21
N PRO A 266 -3.07 1.53 -7.26
CA PRO A 266 -1.70 1.96 -7.57
C PRO A 266 -1.69 3.36 -8.21
N VAL A 267 -0.50 3.89 -8.51
CA VAL A 267 -0.41 5.21 -9.14
C VAL A 267 -0.89 5.11 -10.59
N THR A 268 -1.82 5.99 -10.94
CA THR A 268 -2.40 5.98 -12.27
C THR A 268 -1.45 6.20 -13.43
N PHE A 269 -0.68 7.29 -13.39
CA PHE A 269 0.24 7.59 -14.47
C PHE A 269 1.38 6.57 -14.56
N ILE A 270 1.72 5.96 -13.44
CA ILE A 270 2.76 4.93 -13.39
C ILE A 270 2.27 3.66 -14.10
N GLN A 271 1.00 3.32 -13.90
CA GLN A 271 0.42 2.13 -14.54
C GLN A 271 0.40 2.28 -16.06
N TYR A 272 0.08 3.48 -16.54
CA TYR A 272 0.05 3.77 -17.94
C TYR A 272 1.45 3.55 -18.55
N ALA A 273 2.46 4.09 -17.87
CA ALA A 273 3.85 3.95 -18.31
C ALA A 273 4.29 2.48 -18.38
N ALA A 274 3.88 1.69 -17.40
CA ALA A 274 4.20 0.26 -17.35
C ALA A 274 3.50 -0.52 -18.46
N ALA A 275 2.25 -0.15 -18.76
CA ALA A 275 1.47 -0.82 -19.82
C ALA A 275 2.18 -0.60 -21.16
N LYS A 276 2.56 0.64 -21.43
CA LYS A 276 3.27 0.98 -22.65
C LYS A 276 4.65 0.34 -22.67
N ALA A 277 5.32 0.30 -21.52
CA ALA A 277 6.65 -0.30 -21.42
C ALA A 277 6.63 -1.77 -21.81
N LEU A 278 5.59 -2.48 -21.38
CA LEU A 278 5.46 -3.90 -21.68
C LEU A 278 5.39 -4.20 -23.17
N LYS A 279 4.81 -3.29 -23.94
CA LYS A 279 4.67 -3.46 -25.39
C LYS A 279 5.79 -2.80 -26.19
N ASP A 280 6.77 -2.22 -25.50
CA ASP A 280 7.87 -1.54 -26.16
C ASP A 280 9.13 -2.40 -26.27
N GLU A 281 9.60 -2.58 -27.51
CA GLU A 281 10.81 -3.38 -27.81
C GLU A 281 12.06 -2.91 -27.06
N ARG A 282 12.14 -1.61 -26.81
CA ARG A 282 13.26 -1.03 -26.10
C ARG A 282 13.31 -1.47 -24.63
N SER A 283 12.15 -1.83 -24.07
CA SER A 283 12.08 -2.28 -22.68
C SER A 283 12.83 -3.59 -22.50
N TRP A 284 12.60 -4.52 -23.43
CA TRP A 284 13.23 -5.82 -23.42
C TRP A 284 14.70 -5.75 -23.80
N LYS A 285 15.04 -4.76 -24.62
CA LYS A 285 16.41 -4.53 -25.01
C LYS A 285 17.17 -4.13 -23.75
N ALA A 286 16.56 -3.25 -22.96
CA ALA A 286 17.15 -2.77 -21.70
C ALA A 286 17.26 -3.92 -20.70
N VAL A 287 16.24 -4.76 -20.62
CA VAL A 287 16.25 -5.92 -19.70
C VAL A 287 17.43 -6.83 -20.06
N GLU A 288 17.62 -7.09 -21.34
CA GLU A 288 18.71 -7.94 -21.78
C GLU A 288 20.06 -7.29 -21.46
N GLU A 289 20.14 -5.97 -21.60
CA GLU A 289 21.36 -5.27 -21.29
C GLU A 289 21.67 -5.37 -19.81
N MET A 290 20.64 -5.27 -18.98
CA MET A 290 20.81 -5.36 -17.56
C MET A 290 21.21 -6.78 -17.13
N ARG A 291 20.59 -7.78 -17.76
CA ARG A 291 20.89 -9.17 -17.45
C ARG A 291 22.36 -9.51 -17.75
N LYS A 292 22.86 -9.05 -18.88
CA LYS A 292 24.26 -9.29 -19.28
C LYS A 292 25.25 -8.65 -18.31
N GLU A 293 24.94 -7.45 -17.83
CA GLU A 293 25.80 -6.76 -16.88
C GLU A 293 25.75 -7.48 -15.55
N TYR A 294 24.56 -7.91 -15.13
CA TYR A 294 24.40 -8.65 -13.88
C TYR A 294 25.24 -9.92 -13.98
N ASP A 295 25.19 -10.57 -15.14
CA ASP A 295 25.94 -11.81 -15.36
C ASP A 295 27.44 -11.56 -15.22
N ARG A 296 27.91 -10.44 -15.74
CA ARG A 296 29.33 -10.09 -15.67
C ARG A 296 29.77 -9.95 -14.21
N ARG A 297 28.95 -9.26 -13.42
CA ARG A 297 29.24 -9.07 -12.03
C ARG A 297 29.16 -10.39 -11.29
N ARG A 298 28.18 -11.21 -11.65
CA ARG A 298 27.96 -12.54 -11.04
C ARG A 298 29.18 -13.45 -11.11
N LYS A 299 29.78 -13.55 -12.29
CA LYS A 299 30.99 -14.39 -12.49
C LYS A 299 32.17 -13.85 -11.67
N LEU A 300 32.26 -12.53 -11.56
CA LEU A 300 33.31 -11.87 -10.77
C LEU A 300 33.19 -12.25 -9.29
N VAL A 301 32.02 -12.01 -8.68
CA VAL A 301 31.84 -12.33 -7.27
C VAL A 301 31.92 -13.82 -6.94
N TRP A 302 31.45 -14.67 -7.85
CA TRP A 302 31.53 -16.13 -7.62
C TRP A 302 33.00 -16.59 -7.65
N LYS A 303 33.75 -16.12 -8.63
CA LYS A 303 35.18 -16.47 -8.75
C LYS A 303 35.91 -16.01 -7.50
N ARG A 304 35.77 -14.71 -7.20
CA ARG A 304 36.42 -14.08 -6.05
C ARG A 304 36.10 -14.68 -4.69
N LEU A 305 34.82 -14.95 -4.42
CA LEU A 305 34.41 -15.54 -3.15
C LEU A 305 35.00 -16.93 -2.96
N ASN A 306 34.89 -17.78 -3.98
CA ASN A 306 35.44 -19.13 -3.92
C ASN A 306 36.96 -19.11 -3.78
N GLU A 307 37.61 -18.25 -4.56
CA GLU A 307 39.05 -18.16 -4.52
C GLU A 307 39.60 -17.53 -3.25
N MET A 308 38.78 -16.75 -2.54
CA MET A 308 39.24 -16.15 -1.30
C MET A 308 39.05 -17.12 -0.14
N GLY A 309 38.36 -18.24 -0.39
CA GLY A 309 38.16 -19.23 0.64
C GLY A 309 36.76 -19.48 1.15
N LEU A 310 35.76 -18.87 0.50
CA LEU A 310 34.38 -19.05 0.91
C LEU A 310 33.65 -19.85 -0.16
N PRO A 311 33.41 -21.15 0.09
CA PRO A 311 32.70 -22.03 -0.85
C PRO A 311 31.37 -21.42 -1.20
N THR A 312 31.19 -21.12 -2.48
CA THR A 312 30.00 -20.46 -2.95
C THR A 312 29.34 -21.08 -4.18
N VAL A 313 28.06 -21.40 -4.05
CA VAL A 313 27.28 -21.97 -5.17
C VAL A 313 27.07 -20.86 -6.22
N LYS A 314 27.32 -21.16 -7.49
CA LYS A 314 27.12 -20.17 -8.53
C LYS A 314 25.61 -20.02 -8.71
N PRO A 315 25.08 -18.80 -8.49
CA PRO A 315 23.63 -18.57 -8.63
C PRO A 315 23.21 -18.58 -10.09
N LYS A 316 22.01 -19.06 -10.36
CA LYS A 316 21.49 -19.10 -11.73
C LYS A 316 20.40 -18.08 -12.01
N GLY A 317 20.03 -17.30 -11.01
CA GLY A 317 19.01 -16.29 -11.18
C GLY A 317 19.09 -15.19 -10.14
N ALA A 318 18.31 -14.12 -10.34
CA ALA A 318 18.29 -12.92 -9.44
C ALA A 318 19.65 -12.22 -9.50
N PHE A 319 19.98 -11.44 -8.48
CA PHE A 319 21.28 -10.76 -8.45
C PHE A 319 21.92 -10.85 -7.07
N TYR A 320 21.78 -12.03 -6.46
CA TYR A 320 22.32 -12.32 -5.13
C TYR A 320 23.19 -13.57 -5.19
N ILE A 321 24.17 -13.60 -4.30
CA ILE A 321 25.06 -14.72 -4.18
C ILE A 321 25.15 -14.99 -2.68
N PHE A 322 25.11 -16.27 -2.27
CA PHE A 322 25.10 -16.64 -0.83
C PHE A 322 26.29 -17.49 -0.37
N PRO A 323 27.49 -16.89 -0.24
CA PRO A 323 28.68 -17.64 0.18
C PRO A 323 28.59 -18.28 1.56
N ARG A 324 29.21 -19.46 1.67
CA ARG A 324 29.27 -20.19 2.92
C ARG A 324 30.34 -19.53 3.78
N ILE A 325 29.99 -19.19 5.02
CA ILE A 325 30.91 -18.57 5.94
C ILE A 325 31.12 -19.40 7.21
N ARG A 326 30.33 -20.45 7.37
CA ARG A 326 30.40 -21.28 8.56
C ARG A 326 31.76 -21.90 8.85
N ASP A 327 32.54 -22.16 7.81
CA ASP A 327 33.85 -22.74 8.00
C ASP A 327 34.87 -21.80 8.63
N THR A 328 34.54 -20.51 8.69
CA THR A 328 35.43 -19.52 9.31
C THR A 328 35.30 -19.63 10.83
N GLY A 329 34.26 -20.35 11.27
CA GLY A 329 34.02 -20.53 12.69
C GLY A 329 33.10 -19.45 13.26
N LEU A 330 32.76 -18.47 12.45
CA LEU A 330 31.89 -17.37 12.87
C LEU A 330 30.43 -17.62 12.52
N THR A 331 29.54 -16.97 13.26
CA THR A 331 28.13 -17.08 12.98
C THR A 331 27.88 -16.08 11.85
N SER A 332 26.69 -16.12 11.26
CA SER A 332 26.34 -15.21 10.17
C SER A 332 26.39 -13.76 10.64
N LYS A 333 25.87 -13.52 11.84
CA LYS A 333 25.86 -12.18 12.40
C LYS A 333 27.25 -11.69 12.75
N LYS A 334 28.08 -12.56 13.32
CA LYS A 334 29.43 -12.20 13.67
C LYS A 334 30.28 -11.98 12.43
N PHE A 335 30.03 -12.76 11.38
CA PHE A 335 30.76 -12.63 10.16
C PHE A 335 30.39 -11.27 9.55
N SER A 336 29.09 -10.96 9.55
CA SER A 336 28.62 -9.70 9.01
C SER A 336 29.20 -8.50 9.77
N GLU A 337 29.27 -8.63 11.10
CA GLU A 337 29.83 -7.56 11.97
C GLU A 337 31.29 -7.30 11.64
N LEU A 338 32.05 -8.38 11.51
CA LEU A 338 33.47 -8.30 11.19
C LEU A 338 33.73 -7.63 9.83
N MET A 339 32.94 -8.00 8.82
CA MET A 339 33.11 -7.44 7.51
C MET A 339 32.82 -5.94 7.50
N LEU A 340 31.81 -5.53 8.26
CA LEU A 340 31.43 -4.13 8.33
C LEU A 340 32.47 -3.34 9.12
N LYS A 341 32.92 -3.92 10.23
CA LYS A 341 33.89 -3.27 11.09
C LYS A 341 35.27 -3.14 10.46
N GLU A 342 35.80 -4.25 9.98
CA GLU A 342 37.12 -4.29 9.42
C GLU A 342 37.30 -4.18 7.92
N ALA A 343 36.38 -4.77 7.16
CA ALA A 343 36.47 -4.71 5.71
C ALA A 343 35.70 -3.52 5.16
N ARG A 344 34.82 -2.95 5.98
CA ARG A 344 33.99 -1.84 5.57
C ARG A 344 33.13 -2.19 4.36
N VAL A 345 32.59 -3.42 4.41
CA VAL A 345 31.72 -3.95 3.39
C VAL A 345 30.52 -4.48 4.17
N ALA A 346 29.32 -4.12 3.73
CA ALA A 346 28.10 -4.56 4.38
C ALA A 346 27.47 -5.75 3.66
N VAL A 347 27.39 -6.89 4.34
CA VAL A 347 26.76 -8.09 3.78
C VAL A 347 25.64 -8.47 4.74
N VAL A 348 24.59 -9.10 4.23
CA VAL A 348 23.48 -9.46 5.08
C VAL A 348 23.65 -10.85 5.69
N PRO A 349 23.57 -10.96 7.02
CA PRO A 349 23.71 -12.28 7.65
C PRO A 349 22.64 -13.24 7.10
N GLY A 350 23.08 -14.42 6.67
CA GLY A 350 22.16 -15.40 6.12
C GLY A 350 21.00 -15.74 7.03
N SER A 351 21.19 -15.59 8.34
CA SER A 351 20.15 -15.86 9.32
C SER A 351 18.92 -14.98 9.16
N ALA A 352 19.06 -13.83 8.49
CA ALA A 352 17.96 -12.94 8.27
C ALA A 352 16.96 -13.57 7.31
N PHE A 353 17.39 -14.63 6.61
CA PHE A 353 16.56 -15.33 5.66
C PHE A 353 16.07 -16.67 6.19
N GLY A 354 16.10 -16.83 7.51
CA GLY A 354 15.64 -18.08 8.11
C GLY A 354 16.76 -18.85 8.75
N LYS A 355 16.39 -19.87 9.52
CA LYS A 355 17.37 -20.69 10.21
C LYS A 355 18.36 -21.36 9.26
N ALA A 356 17.85 -21.83 8.11
CA ALA A 356 18.67 -22.49 7.12
C ALA A 356 19.66 -21.51 6.47
N GLY A 357 19.49 -20.22 6.73
CA GLY A 357 20.38 -19.21 6.20
C GLY A 357 21.63 -19.05 7.05
N GLU A 358 21.56 -19.50 8.30
CA GLU A 358 22.70 -19.45 9.23
C GLU A 358 23.90 -20.21 8.64
N GLY A 359 25.09 -19.64 8.75
CA GLY A 359 26.28 -20.24 8.20
C GLY A 359 26.63 -19.65 6.84
N TYR A 360 25.79 -18.71 6.40
CA TYR A 360 25.96 -18.05 5.11
C TYR A 360 25.74 -16.54 5.25
N VAL A 361 25.98 -15.84 4.16
CA VAL A 361 25.81 -14.44 4.11
C VAL A 361 25.34 -14.10 2.70
N ARG A 362 24.41 -13.15 2.58
CA ARG A 362 23.92 -12.73 1.29
C ARG A 362 24.66 -11.50 0.80
N ILE A 363 25.04 -11.54 -0.48
CA ILE A 363 25.71 -10.45 -1.13
C ILE A 363 24.89 -10.10 -2.38
N SER A 364 24.65 -8.81 -2.57
CA SER A 364 23.92 -8.35 -3.71
C SER A 364 24.94 -7.80 -4.71
N TYR A 365 24.92 -8.31 -5.94
CA TYR A 365 25.82 -7.83 -6.94
C TYR A 365 25.15 -6.80 -7.84
N ALA A 366 24.05 -6.23 -7.34
CA ALA A 366 23.35 -5.19 -8.06
C ALA A 366 24.01 -3.87 -7.65
N THR A 367 25.27 -3.72 -8.06
CA THR A 367 26.04 -2.53 -7.80
C THR A 367 27.22 -2.52 -8.75
N ALA A 368 27.78 -1.33 -9.00
CA ALA A 368 28.90 -1.17 -9.94
C ALA A 368 29.96 -2.26 -9.84
N TYR A 369 30.37 -2.79 -10.99
CA TYR A 369 31.38 -3.85 -11.07
C TYR A 369 32.67 -3.46 -10.34
N GLU A 370 33.02 -2.17 -10.44
CA GLU A 370 34.22 -1.63 -9.81
C GLU A 370 34.10 -1.66 -8.29
N LYS A 371 32.89 -1.41 -7.78
CA LYS A 371 32.65 -1.43 -6.35
C LYS A 371 32.73 -2.85 -5.82
N LEU A 372 32.24 -3.80 -6.60
CA LEU A 372 32.28 -5.22 -6.24
C LEU A 372 33.72 -5.70 -6.13
N GLU A 373 34.56 -5.31 -7.10
CA GLU A 373 35.96 -5.71 -7.08
C GLU A 373 36.62 -5.24 -5.80
N GLU A 374 36.40 -3.97 -5.46
CA GLU A 374 36.97 -3.42 -4.25
C GLU A 374 36.44 -4.13 -3.01
N ALA A 375 35.13 -4.38 -2.98
CA ALA A 375 34.51 -5.08 -1.83
C ALA A 375 35.10 -6.47 -1.66
N MET A 376 35.34 -7.17 -2.77
CA MET A 376 35.92 -8.51 -2.74
C MET A 376 37.34 -8.47 -2.18
N ASP A 377 38.11 -7.48 -2.60
CA ASP A 377 39.49 -7.32 -2.14
C ASP A 377 39.54 -7.06 -0.64
N ARG A 378 38.65 -6.18 -0.17
CA ARG A 378 38.58 -5.82 1.25
C ARG A 378 38.19 -7.00 2.12
N MET A 379 37.22 -7.79 1.65
CA MET A 379 36.78 -8.96 2.37
C MET A 379 37.89 -10.01 2.45
N GLU A 380 38.53 -10.25 1.32
CA GLU A 380 39.59 -11.24 1.25
C GLU A 380 40.74 -10.88 2.18
N ARG A 381 41.11 -9.61 2.20
CA ARG A 381 42.18 -9.13 3.04
C ARG A 381 41.90 -9.44 4.52
N VAL A 382 40.68 -9.19 4.99
CA VAL A 382 40.33 -9.46 6.41
C VAL A 382 40.29 -10.96 6.72
N LEU A 383 39.82 -11.77 5.79
CA LEU A 383 39.78 -13.22 5.97
C LEU A 383 41.21 -13.75 6.12
N LYS A 384 42.11 -13.20 5.31
CA LYS A 384 43.51 -13.59 5.32
C LYS A 384 44.23 -13.11 6.59
N GLU A 385 43.99 -11.86 6.98
CA GLU A 385 44.62 -11.27 8.19
C GLU A 385 44.19 -11.99 9.47
N ARG A 386 42.92 -12.36 9.52
CA ARG A 386 42.37 -13.07 10.65
C ARG A 386 42.57 -14.57 10.54
N LYS A 387 43.20 -15.02 9.44
CA LYS A 387 43.45 -16.45 9.19
C LYS A 387 42.17 -17.28 9.32
N LEU A 388 41.06 -16.69 8.83
CA LEU A 388 39.77 -17.34 8.88
C LEU A 388 39.62 -18.30 7.71
N VAL A 389 40.51 -18.13 6.75
CA VAL A 389 40.53 -18.95 5.59
C VAL A 389 41.92 -19.55 5.44
N ALA B 2 -8.37 -14.75 12.17
CA ALA B 2 -7.34 -14.39 11.15
C ALA B 2 -7.91 -13.31 10.26
N LEU B 3 -7.05 -12.67 9.46
CA LEU B 3 -7.50 -11.60 8.56
C LEU B 3 -8.61 -12.02 7.61
N SER B 4 -8.53 -13.24 7.07
CA SER B 4 -9.52 -13.72 6.15
C SER B 4 -10.91 -13.73 6.79
N ASP B 5 -10.98 -14.09 8.07
CA ASP B 5 -12.25 -14.13 8.81
C ASP B 5 -12.80 -12.71 8.99
N ARG B 6 -11.91 -11.78 9.30
CA ARG B 6 -12.27 -10.39 9.50
C ARG B 6 -12.73 -9.77 8.18
N LEU B 7 -12.06 -10.13 7.09
CA LEU B 7 -12.42 -9.64 5.76
C LEU B 7 -13.81 -10.12 5.39
N GLU B 8 -14.14 -11.36 5.77
CA GLU B 8 -15.45 -11.92 5.47
C GLU B 8 -16.53 -11.17 6.25
N LEU B 9 -16.15 -10.57 7.37
CA LEU B 9 -17.10 -9.81 8.19
C LEU B 9 -17.40 -8.44 7.57
N VAL B 10 -16.49 -7.95 6.74
CA VAL B 10 -16.66 -6.66 6.08
C VAL B 10 -17.71 -6.79 4.97
N SER B 11 -18.76 -5.98 5.04
CA SER B 11 -19.83 -6.01 4.04
C SER B 11 -19.41 -5.45 2.67
N ALA B 12 -20.08 -5.90 1.61
CA ALA B 12 -19.80 -5.44 0.25
C ALA B 12 -20.19 -3.97 0.17
N SER B 13 -19.42 -3.19 -0.58
CA SER B 13 -19.69 -1.77 -0.70
C SER B 13 -20.94 -1.40 -1.48
N GLU B 14 -21.73 -0.50 -0.89
CA GLU B 14 -22.96 0.01 -1.50
C GLU B 14 -22.59 0.99 -2.60
N ILE B 15 -21.42 1.61 -2.44
CA ILE B 15 -20.90 2.57 -3.43
C ILE B 15 -20.40 1.78 -4.65
N ARG B 16 -19.81 0.62 -4.38
CA ARG B 16 -19.29 -0.27 -5.41
C ARG B 16 -20.46 -0.72 -6.28
N LYS B 17 -21.53 -1.16 -5.61
CA LYS B 17 -22.74 -1.63 -6.27
C LYS B 17 -23.37 -0.56 -7.15
N LEU B 18 -23.38 0.68 -6.66
CA LEU B 18 -23.95 1.82 -7.39
C LEU B 18 -23.14 2.07 -8.66
N PHE B 19 -21.82 2.00 -8.53
CA PHE B 19 -20.91 2.21 -9.66
C PHE B 19 -21.14 1.19 -10.77
N ASP B 20 -21.17 -0.09 -10.40
CA ASP B 20 -21.35 -1.18 -11.36
C ASP B 20 -22.61 -1.00 -12.19
N ILE B 21 -23.67 -0.50 -11.55
CA ILE B 21 -24.92 -0.29 -12.24
C ILE B 21 -24.87 0.97 -13.11
N ALA B 22 -24.43 2.09 -12.52
CA ALA B 22 -24.33 3.37 -13.24
C ALA B 22 -23.49 3.22 -14.50
N ALA B 23 -22.37 2.53 -14.38
CA ALA B 23 -21.46 2.28 -15.49
C ALA B 23 -22.18 1.66 -16.69
N GLY B 24 -23.06 0.70 -16.42
CA GLY B 24 -23.81 0.04 -17.49
C GLY B 24 -24.97 0.84 -18.06
N MET B 25 -24.96 2.16 -17.84
CA MET B 25 -26.01 3.06 -18.32
C MET B 25 -25.38 4.33 -18.89
N LYS B 26 -26.05 4.93 -19.87
CA LYS B 26 -25.55 6.14 -20.46
C LYS B 26 -26.42 7.32 -20.09
N ASP B 27 -25.86 8.52 -20.25
CA ASP B 27 -26.54 9.77 -19.92
C ASP B 27 -26.61 9.98 -18.41
N VAL B 28 -25.89 9.16 -17.64
CA VAL B 28 -25.89 9.28 -16.18
C VAL B 28 -24.84 10.28 -15.71
N ILE B 29 -25.24 11.16 -14.78
CA ILE B 29 -24.33 12.12 -14.22
C ILE B 29 -24.00 11.63 -12.81
N SER B 30 -22.70 11.39 -12.56
CA SER B 30 -22.26 10.89 -11.28
C SER B 30 -22.03 11.98 -10.24
N LEU B 31 -22.67 11.82 -9.10
CA LEU B 31 -22.54 12.72 -7.99
C LEU B 31 -22.01 11.90 -6.81
N GLY B 32 -21.46 10.73 -7.13
CA GLY B 32 -20.93 9.86 -6.09
C GLY B 32 -19.42 9.84 -6.06
N ILE B 33 -18.79 10.83 -6.69
CA ILE B 33 -17.30 10.94 -6.77
C ILE B 33 -16.66 11.41 -5.46
N GLY B 34 -15.76 10.62 -4.92
CA GLY B 34 -15.10 11.03 -3.68
C GLY B 34 -13.69 11.53 -3.95
N GLU B 35 -13.51 12.28 -5.03
CA GLU B 35 -12.18 12.80 -5.39
C GLU B 35 -12.29 14.09 -6.21
N PRO B 36 -11.22 14.92 -6.20
CA PRO B 36 -11.22 16.19 -6.95
C PRO B 36 -11.38 15.94 -8.45
N ASP B 37 -12.06 16.84 -9.13
CA ASP B 37 -12.24 16.72 -10.60
C ASP B 37 -11.12 17.47 -11.30
N PHE B 38 -10.46 18.35 -10.56
CA PHE B 38 -9.38 19.14 -11.08
C PHE B 38 -8.15 18.27 -11.39
N ASP B 39 -7.33 18.72 -12.33
CA ASP B 39 -6.12 18.00 -12.66
C ASP B 39 -5.09 18.49 -11.67
N THR B 40 -3.99 17.76 -11.53
CA THR B 40 -2.91 18.14 -10.63
C THR B 40 -2.28 19.42 -11.19
N PRO B 41 -1.99 20.41 -10.32
CA PRO B 41 -1.37 21.65 -10.79
C PRO B 41 -0.11 21.31 -11.59
N GLN B 42 0.00 21.94 -12.76
CA GLN B 42 1.10 21.70 -13.68
C GLN B 42 2.51 21.77 -13.10
N HIS B 43 2.78 22.74 -12.23
CA HIS B 43 4.10 22.87 -11.65
C HIS B 43 4.48 21.66 -10.82
N ILE B 44 3.50 21.01 -10.20
CA ILE B 44 3.77 19.81 -9.39
C ILE B 44 4.13 18.67 -10.34
N LYS B 45 3.45 18.62 -11.48
CA LYS B 45 3.72 17.61 -12.50
C LYS B 45 5.15 17.81 -12.97
N GLU B 46 5.55 19.07 -13.09
CA GLU B 46 6.88 19.41 -13.53
C GLU B 46 7.94 18.98 -12.52
N TYR B 47 7.60 19.05 -11.24
CA TYR B 47 8.53 18.63 -10.17
C TYR B 47 8.74 17.11 -10.25
N ALA B 48 7.69 16.39 -10.62
CA ALA B 48 7.76 14.94 -10.76
C ALA B 48 8.68 14.58 -11.93
N LYS B 49 8.57 15.33 -13.01
CA LYS B 49 9.38 15.13 -14.20
C LYS B 49 10.84 15.37 -13.87
N GLU B 50 11.08 16.41 -13.07
CA GLU B 50 12.41 16.76 -12.64
C GLU B 50 13.02 15.64 -11.79
N ALA B 51 12.20 15.07 -10.91
CA ALA B 51 12.64 13.98 -10.05
C ALA B 51 13.01 12.77 -10.88
N LEU B 52 12.26 12.54 -11.97
CA LEU B 52 12.53 11.42 -12.88
C LEU B 52 13.86 11.65 -13.59
N ASP B 53 14.12 12.89 -14.00
CA ASP B 53 15.39 13.27 -14.67
C ASP B 53 16.56 13.14 -13.69
N LYS B 54 16.29 13.38 -12.41
CA LYS B 54 17.30 13.28 -11.38
C LYS B 54 17.54 11.82 -10.95
N GLY B 55 16.79 10.90 -11.56
CA GLY B 55 16.95 9.49 -11.26
C GLY B 55 16.46 8.99 -9.91
N LEU B 56 15.44 9.64 -9.35
CA LEU B 56 14.88 9.26 -8.05
C LEU B 56 13.83 8.17 -8.30
N THR B 57 14.33 7.00 -8.69
CA THR B 57 13.50 5.87 -9.02
C THR B 57 13.85 4.62 -8.20
N HIS B 58 14.64 4.79 -7.15
CA HIS B 58 15.05 3.67 -6.28
C HIS B 58 14.25 3.67 -4.98
N TYR B 59 14.45 2.65 -4.14
CA TYR B 59 13.74 2.58 -2.85
C TYR B 59 14.12 3.73 -1.94
N GLY B 60 13.18 4.13 -1.10
CA GLY B 60 13.41 5.16 -0.12
C GLY B 60 13.09 4.51 1.22
N PRO B 61 13.28 5.20 2.36
CA PRO B 61 12.99 4.63 3.69
C PRO B 61 11.53 4.19 3.80
N ASN B 62 11.25 3.19 4.63
CA ASN B 62 9.89 2.71 4.81
C ASN B 62 9.03 3.85 5.35
N ILE B 63 9.67 4.74 6.10
CA ILE B 63 9.01 5.88 6.72
C ILE B 63 8.80 7.08 5.79
N GLY B 64 9.42 7.04 4.62
CA GLY B 64 9.31 8.12 3.65
C GLY B 64 10.59 8.93 3.54
N LEU B 65 10.77 9.66 2.44
CA LEU B 65 11.98 10.49 2.25
C LEU B 65 12.05 11.52 3.36
N LEU B 66 13.25 11.71 3.91
CA LEU B 66 13.45 12.67 4.96
C LEU B 66 13.10 14.10 4.49
N GLU B 67 13.46 14.44 3.25
CA GLU B 67 13.17 15.76 2.73
C GLU B 67 11.66 16.04 2.76
N LEU B 68 10.86 15.04 2.42
CA LEU B 68 9.40 15.20 2.46
C LEU B 68 8.92 15.30 3.91
N ARG B 69 9.46 14.46 4.78
CA ARG B 69 9.05 14.49 6.20
C ARG B 69 9.35 15.84 6.87
N GLU B 70 10.46 16.46 6.48
CA GLU B 70 10.81 17.74 7.02
C GLU B 70 9.84 18.81 6.50
N ALA B 71 9.46 18.70 5.22
CA ALA B 71 8.50 19.66 4.60
C ALA B 71 7.14 19.51 5.26
N ILE B 72 6.77 18.26 5.55
CA ILE B 72 5.51 17.94 6.22
C ILE B 72 5.53 18.48 7.66
N ALA B 73 6.66 18.35 8.35
CA ALA B 73 6.78 18.87 9.74
C ALA B 73 6.53 20.37 9.78
N GLU B 74 7.05 21.08 8.79
CA GLU B 74 6.88 22.49 8.71
C GLU B 74 5.43 22.87 8.42
N LYS B 75 4.79 22.12 7.53
CA LYS B 75 3.39 22.33 7.19
C LYS B 75 2.50 22.09 8.41
N LEU B 76 2.80 21.03 9.16
CA LEU B 76 2.04 20.70 10.35
C LEU B 76 2.18 21.78 11.39
N LYS B 77 3.39 22.29 11.58
CA LYS B 77 3.62 23.33 12.55
C LYS B 77 2.91 24.63 12.18
N LYS B 78 3.14 25.11 10.97
CA LYS B 78 2.56 26.36 10.50
C LYS B 78 1.05 26.35 10.33
N GLN B 79 0.57 25.38 9.57
CA GLN B 79 -0.82 25.28 9.29
C GLN B 79 -1.70 24.67 10.36
N ASN B 80 -1.16 23.71 11.11
CA ASN B 80 -1.94 23.02 12.13
C ASN B 80 -1.53 23.19 13.59
N GLY B 81 -0.39 23.84 13.85
CA GLY B 81 0.05 24.02 15.23
C GLY B 81 0.52 22.73 15.88
N ILE B 82 0.85 21.75 15.05
CA ILE B 82 1.31 20.46 15.51
C ILE B 82 2.82 20.40 15.41
N GLU B 83 3.47 20.05 16.52
CA GLU B 83 4.91 19.93 16.58
C GLU B 83 5.25 18.43 16.48
N ALA B 84 5.88 18.04 15.38
CA ALA B 84 6.24 16.65 15.17
C ALA B 84 7.64 16.52 14.58
N ASP B 85 8.42 15.63 15.17
CA ASP B 85 9.79 15.36 14.71
C ASP B 85 9.74 14.57 13.42
N PRO B 86 10.27 15.12 12.31
CA PRO B 86 10.25 14.44 11.02
C PRO B 86 11.02 13.12 11.00
N LYS B 87 12.00 12.98 11.88
CA LYS B 87 12.81 11.75 11.96
C LYS B 87 12.11 10.54 12.59
N THR B 88 11.18 10.79 13.51
CA THR B 88 10.52 9.68 14.22
C THR B 88 9.00 9.74 14.40
N GLU B 89 8.40 10.91 14.17
CA GLU B 89 6.97 11.09 14.41
C GLU B 89 6.13 11.40 13.18
N ILE B 90 6.73 11.25 12.01
CA ILE B 90 6.03 11.52 10.76
C ILE B 90 6.32 10.38 9.79
N MET B 91 5.28 9.83 9.18
CA MET B 91 5.42 8.74 8.22
C MET B 91 4.61 9.02 6.95
N VAL B 92 5.26 8.83 5.80
CA VAL B 92 4.60 9.02 4.53
C VAL B 92 3.97 7.68 4.13
N LEU B 93 2.78 7.73 3.52
CA LEU B 93 2.02 6.53 3.14
C LEU B 93 1.51 6.55 1.70
N LEU B 94 1.07 5.38 1.24
CA LEU B 94 0.52 5.23 -0.12
C LEU B 94 -0.94 5.64 -0.01
N GLY B 95 -1.13 6.96 0.13
CA GLY B 95 -2.44 7.55 0.29
C GLY B 95 -2.75 7.60 1.78
N ALA B 96 -3.62 8.52 2.19
CA ALA B 96 -4.03 8.64 3.59
C ALA B 96 -4.85 7.42 4.04
N ASN B 97 -5.48 6.75 3.07
CA ASN B 97 -6.32 5.57 3.34
C ASN B 97 -5.62 4.47 4.14
N GLN B 98 -4.31 4.33 3.92
CA GLN B 98 -3.50 3.30 4.62
C GLN B 98 -3.42 3.49 6.13
N ALA B 99 -3.54 4.74 6.57
CA ALA B 99 -3.41 5.11 7.94
C ALA B 99 -4.31 4.46 8.96
N PHE B 100 -5.55 4.17 8.57
CA PHE B 100 -6.49 3.59 9.49
C PHE B 100 -6.18 2.14 9.87
N LEU B 101 -5.99 1.28 8.87
CA LEU B 101 -5.67 -0.12 9.15
C LEU B 101 -4.33 -0.20 9.87
N MET B 102 -3.31 0.47 9.32
CA MET B 102 -1.95 0.45 9.92
C MET B 102 -1.82 1.16 11.26
N GLY B 103 -2.50 2.30 11.40
CA GLY B 103 -2.48 3.04 12.66
C GLY B 103 -3.14 2.26 13.78
N LEU B 104 -4.33 1.72 13.53
CA LEU B 104 -5.05 0.92 14.53
C LEU B 104 -4.28 -0.34 14.90
N SER B 105 -3.56 -0.90 13.94
CA SER B 105 -2.75 -2.13 14.16
C SER B 105 -1.53 -1.91 15.06
N ALA B 106 -1.22 -0.65 15.35
CA ALA B 106 -0.11 -0.34 16.22
C ALA B 106 -0.49 -0.54 17.70
N PHE B 107 -1.78 -0.75 18.00
CA PHE B 107 -2.20 -0.91 19.41
C PHE B 107 -3.49 -1.66 19.70
N LEU B 108 -4.42 -1.68 18.75
CA LEU B 108 -5.72 -2.32 18.97
C LEU B 108 -5.66 -3.82 19.31
N LYS B 109 -6.31 -4.21 20.40
CA LYS B 109 -6.32 -5.59 20.83
C LYS B 109 -7.66 -6.25 20.54
N ASP B 110 -7.71 -7.57 20.70
CA ASP B 110 -8.94 -8.34 20.43
C ASP B 110 -10.18 -7.84 21.14
N GLY B 111 -11.25 -7.61 20.37
CA GLY B 111 -12.51 -7.16 20.92
C GLY B 111 -12.58 -5.73 21.42
N GLU B 112 -11.48 -4.99 21.36
CA GLU B 112 -11.50 -3.61 21.82
C GLU B 112 -12.34 -2.78 20.86
N GLU B 113 -13.10 -1.86 21.42
CA GLU B 113 -13.99 -1.03 20.64
C GLU B 113 -13.44 0.30 20.16
N VAL B 114 -13.87 0.69 18.97
CA VAL B 114 -13.46 1.92 18.36
C VAL B 114 -14.72 2.72 18.03
N LEU B 115 -14.86 3.89 18.64
CA LEU B 115 -16.00 4.74 18.40
C LEU B 115 -15.83 5.41 17.05
N ILE B 116 -16.84 5.26 16.20
CA ILE B 116 -16.83 5.83 14.87
C ILE B 116 -18.07 6.69 14.70
N PRO B 117 -17.90 8.03 14.76
CA PRO B 117 -19.03 8.96 14.59
C PRO B 117 -19.60 8.75 13.18
N THR B 118 -20.92 8.61 13.11
CA THR B 118 -21.61 8.39 11.84
C THR B 118 -22.59 9.53 11.54
N PRO B 119 -22.85 9.82 10.25
CA PRO B 119 -22.31 9.20 9.02
C PRO B 119 -20.80 9.29 8.97
N ALA B 120 -20.16 8.20 8.55
CA ALA B 120 -18.71 8.14 8.51
C ALA B 120 -18.16 7.65 7.18
N PHE B 121 -16.93 8.06 6.89
CA PHE B 121 -16.22 7.65 5.71
C PHE B 121 -16.19 6.12 5.75
N VAL B 122 -16.41 5.50 4.58
CA VAL B 122 -16.48 4.05 4.45
C VAL B 122 -15.28 3.18 4.87
N SER B 123 -14.11 3.78 5.05
CA SER B 123 -12.93 3.01 5.43
C SER B 123 -12.77 2.70 6.91
N TYR B 124 -13.37 3.53 7.77
CA TYR B 124 -13.24 3.39 9.23
C TYR B 124 -13.62 2.06 9.86
N ALA B 125 -14.89 1.66 9.77
CA ALA B 125 -15.35 0.41 10.36
C ALA B 125 -14.59 -0.80 9.85
N PRO B 126 -14.46 -0.96 8.51
CA PRO B 126 -13.73 -2.11 7.99
C PRO B 126 -12.27 -2.15 8.46
N ALA B 127 -11.64 -1.00 8.65
CA ALA B 127 -10.24 -0.95 9.14
C ALA B 127 -10.19 -1.46 10.59
N VAL B 128 -11.21 -1.11 11.38
CA VAL B 128 -11.30 -1.54 12.77
C VAL B 128 -11.48 -3.07 12.82
N ILE B 129 -12.39 -3.57 11.99
CA ILE B 129 -12.67 -5.02 11.89
C ILE B 129 -11.38 -5.75 11.46
N LEU B 130 -10.71 -5.21 10.45
CA LEU B 130 -9.45 -5.82 9.94
C LEU B 130 -8.34 -5.81 11.02
N ALA B 131 -8.29 -4.75 11.82
CA ALA B 131 -7.30 -4.64 12.90
C ALA B 131 -7.60 -5.62 14.04
N GLY B 132 -8.84 -6.12 14.11
CA GLY B 132 -9.21 -7.06 15.14
C GLY B 132 -10.12 -6.51 16.22
N GLY B 133 -10.55 -5.26 16.05
CA GLY B 133 -11.44 -4.65 17.01
C GLY B 133 -12.92 -4.69 16.64
N LYS B 134 -13.71 -3.98 17.43
CA LYS B 134 -15.12 -3.91 17.26
C LYS B 134 -15.56 -2.47 17.02
N PRO B 135 -16.08 -2.16 15.83
CA PRO B 135 -16.53 -0.79 15.54
C PRO B 135 -17.86 -0.47 16.23
N VAL B 136 -17.94 0.72 16.83
CA VAL B 136 -19.14 1.16 17.53
C VAL B 136 -19.56 2.51 16.97
N GLU B 137 -20.63 2.50 16.20
CA GLU B 137 -21.13 3.69 15.60
C GLU B 137 -21.73 4.67 16.62
N VAL B 138 -21.33 5.93 16.50
CA VAL B 138 -21.82 7.01 17.39
C VAL B 138 -22.50 8.01 16.46
N PRO B 139 -23.84 8.03 16.44
CA PRO B 139 -24.56 8.96 15.57
C PRO B 139 -24.35 10.46 15.81
N THR B 140 -24.39 11.21 14.69
CA THR B 140 -24.31 12.66 14.71
C THR B 140 -25.61 13.07 14.04
N TYR B 141 -26.15 14.24 14.41
CA TYR B 141 -27.45 14.67 13.91
C TYR B 141 -27.46 15.94 13.08
N GLU B 142 -28.36 15.99 12.12
CA GLU B 142 -28.49 17.14 11.27
C GLU B 142 -28.83 18.42 12.04
N GLU B 143 -29.53 18.29 13.15
CA GLU B 143 -29.88 19.47 13.95
C GLU B 143 -28.64 20.06 14.63
N ASP B 144 -27.58 19.26 14.71
CA ASP B 144 -26.29 19.70 15.27
C ASP B 144 -25.34 20.01 14.11
N GLU B 145 -25.88 20.12 12.90
CA GLU B 145 -25.09 20.36 11.66
C GLU B 145 -24.10 19.21 11.49
N PHE B 146 -24.52 18.04 11.98
CA PHE B 146 -23.74 16.81 11.95
C PHE B 146 -22.43 16.86 12.73
N ARG B 147 -22.30 17.85 13.61
CA ARG B 147 -21.12 18.01 14.45
C ARG B 147 -21.21 16.98 15.59
N LEU B 148 -20.13 16.23 15.78
CA LEU B 148 -20.06 15.22 16.83
C LEU B 148 -20.29 15.87 18.18
N ASN B 149 -21.16 15.25 18.97
CA ASN B 149 -21.50 15.71 20.28
C ASN B 149 -20.95 14.74 21.34
N VAL B 150 -20.21 15.27 22.31
CA VAL B 150 -19.63 14.44 23.38
C VAL B 150 -20.74 13.78 24.22
N ASP B 151 -21.96 14.32 24.17
CA ASP B 151 -23.12 13.73 24.90
C ASP B 151 -23.37 12.34 24.33
N GLU B 152 -23.20 12.21 23.01
CA GLU B 152 -23.40 10.96 22.32
C GLU B 152 -22.24 9.99 22.57
N LEU B 153 -21.01 10.50 22.54
CA LEU B 153 -19.81 9.66 22.79
C LEU B 153 -19.85 8.97 24.14
N LYS B 154 -20.27 9.72 25.16
CA LYS B 154 -20.36 9.20 26.52
C LYS B 154 -21.36 8.06 26.69
N LYS B 155 -22.39 8.05 25.86
CA LYS B 155 -23.40 7.02 25.92
C LYS B 155 -22.89 5.70 25.29
N TYR B 156 -22.01 5.82 24.30
CA TYR B 156 -21.49 4.64 23.61
C TYR B 156 -20.13 4.10 24.06
N VAL B 157 -19.42 4.84 24.90
CA VAL B 157 -18.14 4.40 25.39
C VAL B 157 -18.36 3.27 26.41
N THR B 158 -17.42 2.34 26.47
CA THR B 158 -17.48 1.20 27.43
C THR B 158 -16.06 1.00 27.95
N ASP B 159 -15.88 0.00 28.81
CA ASP B 159 -14.55 -0.30 29.35
C ASP B 159 -13.65 -0.93 28.27
N LYS B 160 -14.27 -1.39 27.19
CA LYS B 160 -13.55 -2.02 26.05
C LYS B 160 -13.07 -0.99 25.02
N THR B 161 -13.58 0.24 25.10
CA THR B 161 -13.20 1.29 24.16
C THR B 161 -11.73 1.67 24.28
N ARG B 162 -11.06 1.73 23.12
CA ARG B 162 -9.65 2.07 23.09
C ARG B 162 -9.32 3.19 22.10
N ALA B 163 -10.18 3.40 21.11
CA ALA B 163 -9.92 4.43 20.15
C ALA B 163 -11.16 5.17 19.69
N LEU B 164 -10.95 6.28 19.00
CA LEU B 164 -11.99 7.11 18.46
C LEU B 164 -11.45 7.69 17.16
N ILE B 165 -12.24 7.62 16.10
CA ILE B 165 -11.82 8.17 14.83
C ILE B 165 -12.68 9.41 14.57
N ILE B 166 -12.02 10.53 14.30
CA ILE B 166 -12.68 11.81 14.03
C ILE B 166 -12.37 12.21 12.59
N ASN B 167 -13.30 12.92 11.94
CA ASN B 167 -13.11 13.34 10.57
C ASN B 167 -13.68 14.74 10.37
N SER B 168 -12.79 15.72 10.27
CA SER B 168 -13.17 17.08 10.07
C SER B 168 -12.16 17.82 9.20
N PRO B 169 -12.61 18.41 8.07
CA PRO B 169 -14.00 18.41 7.58
C PRO B 169 -14.45 16.99 7.25
N CYS B 170 -15.74 16.73 7.50
CA CYS B 170 -16.33 15.41 7.31
C CYS B 170 -16.85 14.97 5.95
N ASN B 171 -16.59 13.70 5.66
CA ASN B 171 -17.09 13.03 4.49
C ASN B 171 -18.00 12.04 5.23
N PRO B 172 -19.28 11.93 4.86
CA PRO B 172 -20.12 12.57 3.83
C PRO B 172 -20.94 13.83 4.14
N THR B 173 -20.94 14.27 5.39
CA THR B 173 -21.77 15.42 5.78
C THR B 173 -21.25 16.82 5.49
N GLY B 174 -19.92 16.98 5.41
CA GLY B 174 -19.34 18.28 5.20
C GLY B 174 -19.27 19.08 6.50
N ALA B 175 -19.49 18.40 7.62
CA ALA B 175 -19.46 19.07 8.91
C ALA B 175 -18.04 19.45 9.34
N VAL B 176 -17.93 20.58 10.06
CA VAL B 176 -16.65 21.04 10.56
C VAL B 176 -16.77 21.20 12.08
N LEU B 177 -15.89 20.52 12.81
CA LEU B 177 -15.85 20.58 14.26
C LEU B 177 -15.21 21.90 14.67
N THR B 178 -15.87 22.63 15.56
CA THR B 178 -15.35 23.90 16.05
C THR B 178 -14.24 23.64 17.07
N LYS B 179 -13.53 24.69 17.47
CA LYS B 179 -12.45 24.53 18.45
C LYS B 179 -13.03 23.99 19.76
N LYS B 180 -14.19 24.52 20.17
CA LYS B 180 -14.87 24.06 21.43
C LYS B 180 -15.23 22.58 21.30
N ASP B 181 -15.69 22.17 20.12
CA ASP B 181 -16.06 20.76 19.86
C ASP B 181 -14.85 19.88 20.11
N LEU B 182 -13.72 20.28 19.53
CA LEU B 182 -12.48 19.54 19.66
C LEU B 182 -11.94 19.52 21.09
N GLU B 183 -12.13 20.61 21.81
CA GLU B 183 -11.66 20.68 23.19
C GLU B 183 -12.43 19.68 24.06
N GLU B 184 -13.72 19.55 23.77
CA GLU B 184 -14.58 18.65 24.51
C GLU B 184 -14.32 17.19 24.12
N ILE B 185 -14.05 16.96 22.86
CA ILE B 185 -13.75 15.62 22.40
C ILE B 185 -12.41 15.22 23.01
N ALA B 186 -11.48 16.16 23.06
CA ALA B 186 -10.14 15.93 23.62
C ALA B 186 -10.25 15.51 25.07
N ASP B 187 -11.05 16.22 25.84
CA ASP B 187 -11.24 15.88 27.25
C ASP B 187 -11.81 14.48 27.42
N PHE B 188 -12.73 14.10 26.56
CA PHE B 188 -13.34 12.78 26.59
C PHE B 188 -12.30 11.72 26.27
N VAL B 189 -11.47 11.99 25.26
CA VAL B 189 -10.42 11.07 24.83
C VAL B 189 -9.44 10.83 25.98
N VAL B 190 -9.06 11.90 26.65
CA VAL B 190 -8.15 11.84 27.77
C VAL B 190 -8.77 11.05 28.94
N GLU B 191 -10.01 11.38 29.26
CA GLU B 191 -10.73 10.72 30.35
C GLU B 191 -10.81 9.20 30.21
N HIS B 192 -11.02 8.73 28.98
CA HIS B 192 -11.13 7.30 28.73
C HIS B 192 -9.86 6.65 28.21
N ASP B 193 -8.76 7.40 28.23
CA ASP B 193 -7.47 6.92 27.79
C ASP B 193 -7.51 6.29 26.41
N LEU B 194 -8.09 7.01 25.47
CA LEU B 194 -8.22 6.55 24.13
C LEU B 194 -7.15 7.17 23.26
N ILE B 195 -7.02 6.59 22.08
CA ILE B 195 -6.15 7.10 21.08
C ILE B 195 -7.15 7.61 20.05
N VAL B 196 -6.99 8.86 19.63
CA VAL B 196 -7.85 9.43 18.67
C VAL B 196 -7.14 9.59 17.32
N ILE B 197 -7.82 9.17 16.25
CA ILE B 197 -7.28 9.30 14.92
C ILE B 197 -8.06 10.42 14.26
N SER B 198 -7.36 11.46 13.84
CA SER B 198 -7.97 12.62 13.23
C SER B 198 -7.73 12.72 11.74
N ASP B 199 -8.77 12.50 10.95
CA ASP B 199 -8.68 12.55 9.50
C ASP B 199 -8.93 13.97 9.00
N GLU B 200 -7.85 14.64 8.65
CA GLU B 200 -7.93 16.00 8.21
C GLU B 200 -7.60 16.25 6.74
N VAL B 201 -7.84 15.25 5.88
CA VAL B 201 -7.54 15.40 4.44
C VAL B 201 -8.27 16.53 3.68
N TYR B 202 -9.42 16.96 4.20
CA TYR B 202 -10.22 18.04 3.54
C TYR B 202 -9.99 19.39 4.21
N GLU B 203 -8.98 19.47 5.05
CA GLU B 203 -8.68 20.69 5.80
C GLU B 203 -8.75 22.02 5.05
N HIS B 204 -8.22 22.06 3.83
CA HIS B 204 -8.20 23.30 3.02
C HIS B 204 -9.49 23.71 2.33
N PHE B 205 -10.45 22.79 2.28
CA PHE B 205 -11.70 23.09 1.65
C PHE B 205 -12.74 23.32 2.74
N ILE B 206 -12.66 24.52 3.30
CA ILE B 206 -13.53 25.00 4.35
C ILE B 206 -14.15 26.28 3.84
N TYR B 207 -15.38 26.54 4.23
CA TYR B 207 -16.08 27.70 3.76
C TYR B 207 -16.68 28.55 4.87
N ASP B 208 -17.24 29.69 4.44
CA ASP B 208 -17.88 30.62 5.30
C ASP B 208 -16.95 31.11 6.42
N ASP B 209 -17.41 31.01 7.66
CA ASP B 209 -16.61 31.46 8.81
C ASP B 209 -15.75 30.36 9.45
N ALA B 210 -15.87 29.15 8.90
CA ALA B 210 -15.17 27.97 9.41
C ALA B 210 -13.65 27.97 9.35
N ARG B 211 -13.05 27.43 10.41
CA ARG B 211 -11.63 27.30 10.51
C ARG B 211 -11.28 25.86 10.88
N HIS B 212 -10.15 25.39 10.36
CA HIS B 212 -9.72 24.06 10.61
C HIS B 212 -8.75 23.98 11.79
N TYR B 213 -9.14 23.21 12.81
CA TYR B 213 -8.31 23.00 14.01
C TYR B 213 -7.98 21.51 14.08
N SER B 214 -6.78 21.20 14.58
CA SER B 214 -6.31 19.82 14.71
C SER B 214 -6.28 19.46 16.19
N ILE B 215 -6.92 18.35 16.55
CA ILE B 215 -6.94 17.94 17.93
C ILE B 215 -5.55 17.67 18.54
N ALA B 216 -4.59 17.24 17.72
CA ALA B 216 -3.20 16.97 18.20
C ALA B 216 -2.47 18.25 18.64
N SER B 217 -3.01 19.40 18.28
CA SER B 217 -2.41 20.69 18.66
C SER B 217 -2.88 21.13 20.05
N LEU B 218 -3.96 20.50 20.54
CA LEU B 218 -4.53 20.82 21.86
C LEU B 218 -3.64 20.30 22.97
N ASP B 219 -3.74 20.92 24.14
CA ASP B 219 -2.92 20.56 25.30
C ASP B 219 -2.84 19.06 25.63
N GLY B 220 -1.62 18.54 25.57
CA GLY B 220 -1.36 17.13 25.86
C GLY B 220 -2.00 16.10 24.95
N MET B 221 -2.40 16.50 23.75
CA MET B 221 -3.05 15.59 22.84
C MET B 221 -2.16 14.86 21.88
N PHE B 222 -0.98 15.38 21.59
CA PHE B 222 -0.07 14.72 20.64
C PHE B 222 0.28 13.29 21.03
N GLU B 223 0.42 13.06 22.33
CA GLU B 223 0.79 11.75 22.89
C GLU B 223 -0.27 10.66 22.66
N ARG B 224 -1.50 11.06 22.31
CA ARG B 224 -2.58 10.11 22.07
C ARG B 224 -3.35 10.36 20.76
N THR B 225 -2.69 10.97 19.79
CA THR B 225 -3.33 11.28 18.54
C THR B 225 -2.54 10.83 17.31
N ILE B 226 -3.25 10.26 16.33
CA ILE B 226 -2.63 9.92 15.06
C ILE B 226 -3.30 10.93 14.12
N THR B 227 -2.56 11.91 13.63
CA THR B 227 -3.11 12.89 12.69
C THR B 227 -2.92 12.34 11.27
N VAL B 228 -4.01 12.22 10.54
CA VAL B 228 -3.99 11.69 9.17
C VAL B 228 -4.28 12.84 8.20
N ASN B 229 -3.48 12.93 7.15
CA ASN B 229 -3.65 13.96 6.15
C ASN B 229 -3.01 13.44 4.86
N GLY B 230 -2.94 14.28 3.84
CA GLY B 230 -2.35 13.87 2.59
C GLY B 230 -2.46 14.92 1.52
N PHE B 231 -2.02 14.56 0.31
CA PHE B 231 -2.03 15.45 -0.84
C PHE B 231 -3.15 15.20 -1.84
N SER B 232 -3.87 14.09 -1.67
CA SER B 232 -4.95 13.72 -2.59
C SER B 232 -5.99 14.80 -2.85
N LYS B 233 -6.58 15.35 -1.79
CA LYS B 233 -7.59 16.38 -1.95
C LYS B 233 -6.96 17.77 -2.14
N THR B 234 -6.11 18.14 -1.20
CA THR B 234 -5.42 19.41 -1.19
C THR B 234 -4.78 19.83 -2.51
N PHE B 235 -4.02 18.93 -3.12
CA PHE B 235 -3.34 19.25 -4.39
C PHE B 235 -3.90 18.49 -5.60
N ALA B 236 -5.08 17.89 -5.45
CA ALA B 236 -5.72 17.11 -6.54
C ALA B 236 -4.70 16.09 -7.06
N MET B 237 -4.19 15.28 -6.13
CA MET B 237 -3.20 14.27 -6.44
C MET B 237 -3.68 12.87 -6.05
N THR B 238 -4.97 12.62 -6.19
CA THR B 238 -5.53 11.30 -5.82
C THR B 238 -4.83 10.12 -6.47
N GLY B 239 -4.52 10.25 -7.76
CA GLY B 239 -3.85 9.20 -8.50
C GLY B 239 -2.37 9.05 -8.18
N TRP B 240 -1.82 9.96 -7.38
CA TRP B 240 -0.37 9.95 -6.97
C TRP B 240 -0.12 9.06 -5.74
N ARG B 241 -1.20 8.70 -5.05
CA ARG B 241 -1.17 7.84 -3.86
C ARG B 241 -0.16 8.30 -2.82
N LEU B 242 -0.40 9.46 -2.23
CA LEU B 242 0.51 9.99 -1.24
C LEU B 242 -0.19 10.70 -0.06
N GLY B 243 -0.03 10.11 1.12
CA GLY B 243 -0.61 10.66 2.32
C GLY B 243 0.41 10.60 3.42
N PHE B 244 0.02 10.93 4.64
CA PHE B 244 0.93 10.91 5.73
C PHE B 244 0.22 10.97 7.08
N VAL B 245 0.98 10.65 8.13
CA VAL B 245 0.49 10.71 9.49
C VAL B 245 1.57 11.32 10.41
N ALA B 246 1.11 11.86 11.53
CA ALA B 246 1.99 12.40 12.56
C ALA B 246 1.45 11.73 13.83
N ALA B 247 2.32 11.08 14.59
CA ALA B 247 1.90 10.38 15.80
C ALA B 247 3.10 10.09 16.69
N PRO B 248 2.86 9.62 17.93
CA PRO B 248 3.97 9.30 18.83
C PRO B 248 4.88 8.29 18.12
N SER B 249 6.19 8.39 18.37
CA SER B 249 7.15 7.50 17.75
C SER B 249 6.86 6.01 17.93
N TRP B 250 6.29 5.62 19.06
CA TRP B 250 5.98 4.18 19.30
C TRP B 250 4.92 3.67 18.30
N ILE B 251 4.00 4.55 17.90
CA ILE B 251 2.99 4.18 16.94
C ILE B 251 3.64 4.16 15.56
N ILE B 252 4.43 5.20 15.25
CA ILE B 252 5.12 5.29 13.97
C ILE B 252 6.04 4.09 13.73
N GLU B 253 6.77 3.66 14.75
CA GLU B 253 7.66 2.49 14.62
C GLU B 253 6.89 1.26 14.17
N ARG B 254 5.72 1.04 14.78
CA ARG B 254 4.89 -0.11 14.43
C ARG B 254 4.25 0.02 13.04
N MET B 255 3.98 1.26 12.62
CA MET B 255 3.42 1.49 11.32
C MET B 255 4.46 1.20 10.24
N VAL B 256 5.71 1.60 10.45
CA VAL B 256 6.73 1.32 9.41
C VAL B 256 7.03 -0.17 9.38
N LYS B 257 6.94 -0.83 10.54
CA LYS B 257 7.18 -2.27 10.61
C LYS B 257 6.08 -2.95 9.78
N PHE B 258 4.86 -2.46 9.92
CA PHE B 258 3.71 -3.00 9.16
C PHE B 258 4.00 -2.76 7.67
N GLN B 259 4.46 -1.55 7.34
CA GLN B 259 4.74 -1.17 5.94
C GLN B 259 5.79 -2.07 5.29
N MET B 260 6.76 -2.56 6.07
CA MET B 260 7.79 -3.43 5.56
C MET B 260 7.19 -4.71 4.96
N TYR B 261 5.99 -5.07 5.42
CA TYR B 261 5.29 -6.27 4.93
C TYR B 261 3.99 -5.92 4.19
N ASN B 262 3.94 -4.69 3.68
CA ASN B 262 2.80 -4.20 2.94
C ASN B 262 3.33 -3.53 1.68
N ALA B 263 3.22 -2.20 1.57
CA ALA B 263 3.69 -1.50 0.35
C ALA B 263 5.17 -1.08 0.33
N THR B 264 5.87 -1.35 1.43
CA THR B 264 7.31 -1.03 1.60
C THR B 264 7.62 0.47 1.78
N CYS B 265 7.34 1.28 0.77
CA CYS B 265 7.58 2.71 0.84
C CYS B 265 6.81 3.39 -0.28
N PRO B 266 6.57 4.71 -0.16
CA PRO B 266 5.84 5.42 -1.21
C PRO B 266 6.71 5.63 -2.45
N VAL B 267 6.13 6.15 -3.52
CA VAL B 267 6.87 6.40 -4.76
C VAL B 267 7.89 7.51 -4.50
N THR B 268 9.14 7.22 -4.81
CA THR B 268 10.22 8.13 -4.59
C THR B 268 10.15 9.48 -5.31
N PHE B 269 9.94 9.46 -6.63
CA PHE B 269 9.87 10.70 -7.38
C PHE B 269 8.62 11.52 -7.06
N ILE B 270 7.59 10.84 -6.60
CA ILE B 270 6.36 11.46 -6.22
C ILE B 270 6.56 12.21 -4.89
N GLN B 271 7.33 11.61 -3.98
CA GLN B 271 7.60 12.25 -2.70
C GLN B 271 8.42 13.53 -2.90
N TYR B 272 9.36 13.47 -3.84
CA TYR B 272 10.18 14.62 -4.15
C TYR B 272 9.29 15.77 -4.63
N ALA B 273 8.36 15.47 -5.54
CA ALA B 273 7.45 16.48 -6.08
C ALA B 273 6.54 17.09 -5.02
N ALA B 274 6.09 16.28 -4.06
CA ALA B 274 5.23 16.76 -2.99
C ALA B 274 6.00 17.64 -2.01
N ALA B 275 7.27 17.35 -1.79
CA ALA B 275 8.11 18.17 -0.88
C ALA B 275 8.33 19.55 -1.52
N LYS B 276 8.57 19.54 -2.84
CA LYS B 276 8.77 20.78 -3.58
C LYS B 276 7.45 21.55 -3.66
N ALA B 277 6.35 20.80 -3.84
CA ALA B 277 5.01 21.40 -3.91
C ALA B 277 4.64 22.14 -2.62
N LEU B 278 4.92 21.52 -1.48
CA LEU B 278 4.60 22.13 -0.18
C LEU B 278 5.24 23.50 0.02
N LYS B 279 6.40 23.70 -0.60
CA LYS B 279 7.13 24.97 -0.49
C LYS B 279 6.97 25.92 -1.66
N ASP B 280 6.07 25.59 -2.57
CA ASP B 280 5.82 26.42 -3.73
C ASP B 280 4.52 27.20 -3.58
N GLU B 281 4.63 28.53 -3.64
CA GLU B 281 3.48 29.41 -3.51
C GLU B 281 2.36 29.05 -4.48
N ARG B 282 2.74 28.59 -5.67
CA ARG B 282 1.79 28.20 -6.70
C ARG B 282 0.88 27.07 -6.28
N SER B 283 1.37 26.21 -5.38
CA SER B 283 0.59 25.12 -4.89
C SER B 283 -0.58 25.64 -4.08
N TRP B 284 -0.30 26.61 -3.21
CA TRP B 284 -1.32 27.17 -2.35
C TRP B 284 -2.29 28.08 -3.07
N LYS B 285 -1.82 28.72 -4.14
CA LYS B 285 -2.66 29.57 -4.92
C LYS B 285 -3.66 28.65 -5.65
N ALA B 286 -3.18 27.47 -6.06
CA ALA B 286 -4.00 26.49 -6.74
C ALA B 286 -5.05 25.97 -5.76
N VAL B 287 -4.64 25.74 -4.51
CA VAL B 287 -5.57 25.27 -3.46
C VAL B 287 -6.71 26.28 -3.30
N GLU B 288 -6.35 27.58 -3.31
CA GLU B 288 -7.32 28.64 -3.16
C GLU B 288 -8.31 28.69 -4.33
N GLU B 289 -7.81 28.50 -5.55
CA GLU B 289 -8.66 28.50 -6.73
C GLU B 289 -9.65 27.36 -6.64
N MET B 290 -9.18 26.19 -6.25
CA MET B 290 -10.04 25.01 -6.13
C MET B 290 -11.09 25.22 -5.06
N ARG B 291 -10.69 25.77 -3.90
CA ARG B 291 -11.63 26.03 -2.81
C ARG B 291 -12.74 26.98 -3.27
N LYS B 292 -12.35 28.01 -4.02
CA LYS B 292 -13.31 28.99 -4.56
C LYS B 292 -14.32 28.31 -5.44
N GLU B 293 -13.85 27.48 -6.36
CA GLU B 293 -14.75 26.77 -7.27
C GLU B 293 -15.64 25.79 -6.52
N TYR B 294 -15.08 25.08 -5.54
CA TYR B 294 -15.88 24.14 -4.75
C TYR B 294 -16.98 24.93 -4.05
N ASP B 295 -16.62 26.10 -3.53
CA ASP B 295 -17.59 26.95 -2.85
C ASP B 295 -18.72 27.38 -3.77
N ARG B 296 -18.38 27.74 -5.01
CA ARG B 296 -19.39 28.16 -6.02
C ARG B 296 -20.39 27.03 -6.27
N ARG B 297 -19.87 25.81 -6.43
CA ARG B 297 -20.71 24.63 -6.65
C ARG B 297 -21.52 24.27 -5.42
N ARG B 298 -20.92 24.47 -4.25
CA ARG B 298 -21.54 24.18 -2.97
C ARG B 298 -22.78 25.03 -2.72
N LYS B 299 -22.71 26.30 -3.07
CA LYS B 299 -23.83 27.22 -2.92
C LYS B 299 -24.95 26.85 -3.91
N LEU B 300 -24.58 26.32 -5.07
CA LEU B 300 -25.53 25.91 -6.08
C LEU B 300 -26.34 24.71 -5.57
N VAL B 301 -25.64 23.63 -5.21
CA VAL B 301 -26.30 22.44 -4.76
C VAL B 301 -27.07 22.61 -3.47
N TRP B 302 -26.56 23.43 -2.55
CA TRP B 302 -27.23 23.67 -1.28
C TRP B 302 -28.58 24.36 -1.53
N LYS B 303 -28.56 25.40 -2.37
CA LYS B 303 -29.77 26.11 -2.68
C LYS B 303 -30.74 25.27 -3.48
N ARG B 304 -30.24 24.53 -4.46
CA ARG B 304 -31.09 23.69 -5.31
C ARG B 304 -31.76 22.54 -4.55
N LEU B 305 -30.98 21.85 -3.71
CA LEU B 305 -31.51 20.74 -2.92
C LEU B 305 -32.60 21.21 -1.97
N ASN B 306 -32.36 22.31 -1.29
CA ASN B 306 -33.34 22.85 -0.38
C ASN B 306 -34.59 23.31 -1.10
N GLU B 307 -34.42 24.05 -2.19
CA GLU B 307 -35.58 24.56 -2.92
C GLU B 307 -36.39 23.50 -3.65
N MET B 308 -35.79 22.35 -3.94
CA MET B 308 -36.52 21.29 -4.61
C MET B 308 -37.28 20.42 -3.60
N GLY B 309 -37.11 20.73 -2.32
CA GLY B 309 -37.82 19.98 -1.29
C GLY B 309 -37.04 19.00 -0.43
N LEU B 310 -35.72 19.08 -0.44
CA LEU B 310 -34.92 18.19 0.37
C LEU B 310 -34.12 19.01 1.36
N PRO B 311 -34.58 19.08 2.62
CA PRO B 311 -33.89 19.86 3.66
C PRO B 311 -32.43 19.43 3.72
N THR B 312 -31.54 20.39 3.49
CA THR B 312 -30.15 20.09 3.46
C THR B 312 -29.28 21.04 4.30
N VAL B 313 -28.45 20.45 5.16
CA VAL B 313 -27.55 21.23 6.00
C VAL B 313 -26.44 21.81 5.12
N LYS B 314 -26.15 23.10 5.30
CA LYS B 314 -25.10 23.76 4.51
C LYS B 314 -23.77 23.23 5.03
N PRO B 315 -23.01 22.53 4.16
CA PRO B 315 -21.70 21.98 4.57
C PRO B 315 -20.66 23.09 4.73
N LYS B 316 -19.80 22.96 5.75
CA LYS B 316 -18.77 23.96 6.00
C LYS B 316 -17.38 23.52 5.56
N GLY B 317 -17.28 22.29 5.08
CA GLY B 317 -16.00 21.75 4.64
C GLY B 317 -16.14 20.57 3.71
N ALA B 318 -15.02 20.15 3.12
CA ALA B 318 -14.98 19.03 2.17
C ALA B 318 -15.74 19.39 0.88
N PHE B 319 -16.11 18.38 0.10
CA PHE B 319 -16.84 18.63 -1.10
C PHE B 319 -18.07 17.72 -1.24
N TYR B 320 -18.76 17.53 -0.13
CA TYR B 320 -19.94 16.69 -0.08
C TYR B 320 -21.09 17.41 0.58
N ILE B 321 -22.31 17.00 0.24
CA ILE B 321 -23.48 17.56 0.83
C ILE B 321 -24.39 16.36 1.08
N PHE B 322 -25.12 16.38 2.19
CA PHE B 322 -25.97 15.21 2.60
C PHE B 322 -27.45 15.54 2.84
N PRO B 323 -28.22 15.73 1.76
CA PRO B 323 -29.65 16.05 1.87
C PRO B 323 -30.51 14.98 2.56
N ARG B 324 -31.49 15.44 3.32
CA ARG B 324 -32.41 14.56 3.98
C ARG B 324 -33.40 14.09 2.91
N ILE B 325 -33.58 12.78 2.81
CA ILE B 325 -34.52 12.21 1.84
C ILE B 325 -35.64 11.41 2.50
N ARG B 326 -35.54 11.16 3.81
CA ARG B 326 -36.56 10.36 4.52
C ARG B 326 -37.99 10.87 4.42
N ASP B 327 -38.16 12.19 4.29
CA ASP B 327 -39.52 12.76 4.19
C ASP B 327 -40.24 12.39 2.88
N THR B 328 -39.50 11.84 1.92
CA THR B 328 -40.09 11.41 0.64
C THR B 328 -40.74 10.04 0.79
N GLY B 329 -40.48 9.38 1.93
CA GLY B 329 -41.03 8.07 2.18
C GLY B 329 -40.16 6.93 1.66
N LEU B 330 -39.10 7.26 0.94
CA LEU B 330 -38.19 6.29 0.37
C LEU B 330 -36.99 6.05 1.27
N THR B 331 -36.44 4.84 1.21
CA THR B 331 -35.24 4.52 1.97
C THR B 331 -34.08 5.14 1.19
N SER B 332 -32.91 5.25 1.80
CA SER B 332 -31.74 5.82 1.13
C SER B 332 -31.41 5.04 -0.13
N LYS B 333 -31.48 3.71 -0.03
CA LYS B 333 -31.19 2.84 -1.15
C LYS B 333 -32.22 2.98 -2.27
N LYS B 334 -33.50 3.01 -1.92
CA LYS B 334 -34.56 3.16 -2.92
C LYS B 334 -34.56 4.55 -3.53
N PHE B 335 -34.13 5.55 -2.76
CA PHE B 335 -34.04 6.93 -3.28
C PHE B 335 -32.93 6.97 -4.34
N SER B 336 -31.80 6.34 -4.04
CA SER B 336 -30.67 6.29 -4.96
C SER B 336 -31.04 5.49 -6.20
N GLU B 337 -31.74 4.38 -6.01
CA GLU B 337 -32.16 3.55 -7.14
C GLU B 337 -33.06 4.32 -8.08
N LEU B 338 -34.00 5.10 -7.52
CA LEU B 338 -34.91 5.89 -8.30
C LEU B 338 -34.19 6.97 -9.10
N MET B 339 -33.28 7.68 -8.44
CA MET B 339 -32.51 8.75 -9.08
C MET B 339 -31.63 8.24 -10.21
N LEU B 340 -31.06 7.05 -10.05
CA LEU B 340 -30.21 6.49 -11.08
C LEU B 340 -31.05 6.06 -12.29
N LYS B 341 -32.16 5.38 -12.03
CA LYS B 341 -33.06 4.90 -13.09
C LYS B 341 -33.77 6.00 -13.87
N GLU B 342 -34.49 6.88 -13.17
CA GLU B 342 -35.26 7.93 -13.79
C GLU B 342 -34.60 9.28 -14.01
N ALA B 343 -33.80 9.73 -13.04
CA ALA B 343 -33.11 11.00 -13.18
C ALA B 343 -31.76 10.85 -13.89
N ARG B 344 -31.23 9.62 -13.88
CA ARG B 344 -29.91 9.30 -14.48
C ARG B 344 -28.83 10.06 -13.70
N VAL B 345 -29.03 10.13 -12.39
CA VAL B 345 -28.14 10.81 -11.49
C VAL B 345 -27.73 9.83 -10.40
N ALA B 346 -26.43 9.62 -10.24
CA ALA B 346 -25.88 8.71 -9.24
C ALA B 346 -25.57 9.41 -7.93
N VAL B 347 -26.26 9.02 -6.86
CA VAL B 347 -26.04 9.57 -5.52
C VAL B 347 -25.81 8.37 -4.59
N VAL B 348 -25.01 8.54 -3.55
CA VAL B 348 -24.72 7.44 -2.62
C VAL B 348 -25.71 7.35 -1.47
N PRO B 349 -26.34 6.18 -1.27
CA PRO B 349 -27.30 6.04 -0.16
C PRO B 349 -26.63 6.39 1.17
N GLY B 350 -27.34 7.16 1.99
CA GLY B 350 -26.79 7.58 3.27
C GLY B 350 -26.40 6.43 4.18
N SER B 351 -27.11 5.31 4.03
CA SER B 351 -26.86 4.10 4.82
C SER B 351 -25.47 3.50 4.61
N ALA B 352 -24.83 3.85 3.50
CA ALA B 352 -23.50 3.36 3.22
C ALA B 352 -22.50 3.91 4.23
N PHE B 353 -22.88 5.00 4.90
CA PHE B 353 -22.03 5.65 5.87
C PHE B 353 -22.45 5.36 7.32
N GLY B 354 -23.27 4.33 7.50
CA GLY B 354 -23.73 3.96 8.84
C GLY B 354 -25.22 4.14 9.01
N LYS B 355 -25.75 3.63 10.12
CA LYS B 355 -27.16 3.73 10.41
C LYS B 355 -27.65 5.17 10.48
N ALA B 356 -26.82 6.04 11.02
CA ALA B 356 -27.16 7.46 11.16
C ALA B 356 -27.27 8.14 9.81
N GLY B 357 -26.71 7.49 8.78
CA GLY B 357 -26.77 8.02 7.43
C GLY B 357 -28.07 7.64 6.73
N GLU B 358 -28.78 6.64 7.26
CA GLU B 358 -30.04 6.23 6.68
C GLU B 358 -31.01 7.40 6.80
N GLY B 359 -31.71 7.69 5.71
CA GLY B 359 -32.64 8.80 5.67
C GLY B 359 -32.04 9.96 4.89
N TYR B 360 -30.79 9.78 4.46
CA TYR B 360 -30.03 10.78 3.70
C TYR B 360 -29.35 10.16 2.49
N VAL B 361 -28.72 11.02 1.70
CA VAL B 361 -28.01 10.60 0.53
C VAL B 361 -26.80 11.54 0.40
N ARG B 362 -25.66 11.03 -0.07
CA ARG B 362 -24.48 11.86 -0.24
C ARG B 362 -24.29 12.23 -1.71
N ILE B 363 -24.05 13.52 -1.92
CA ILE B 363 -23.80 14.07 -3.21
C ILE B 363 -22.46 14.77 -3.14
N SER B 364 -21.60 14.51 -4.11
CA SER B 364 -20.31 15.11 -4.19
C SER B 364 -20.38 16.21 -5.23
N TYR B 365 -19.88 17.39 -4.90
CA TYR B 365 -19.87 18.48 -5.83
C TYR B 365 -18.49 18.70 -6.44
N ALA B 366 -17.70 17.61 -6.49
CA ALA B 366 -16.37 17.64 -7.08
C ALA B 366 -16.55 17.20 -8.54
N THR B 367 -17.33 17.98 -9.28
CA THR B 367 -17.62 17.75 -10.69
C THR B 367 -18.03 19.11 -11.30
N ALA B 368 -17.95 19.23 -12.62
CA ALA B 368 -18.29 20.48 -13.30
C ALA B 368 -19.61 21.09 -12.87
N TYR B 369 -19.59 22.40 -12.62
CA TYR B 369 -20.77 23.16 -12.20
C TYR B 369 -21.97 22.91 -13.12
N GLU B 370 -21.72 22.89 -14.43
CA GLU B 370 -22.76 22.66 -15.44
C GLU B 370 -23.41 21.29 -15.23
N LYS B 371 -22.58 20.28 -14.93
CA LYS B 371 -23.07 18.94 -14.67
C LYS B 371 -23.95 18.96 -13.42
N LEU B 372 -23.53 19.74 -12.42
CA LEU B 372 -24.28 19.86 -11.18
C LEU B 372 -25.63 20.51 -11.44
N GLU B 373 -25.65 21.54 -12.27
CA GLU B 373 -26.89 22.22 -12.58
C GLU B 373 -27.88 21.26 -13.24
N GLU B 374 -27.38 20.48 -14.19
CA GLU B 374 -28.18 19.53 -14.88
C GLU B 374 -28.70 18.41 -13.96
N ALA B 375 -27.83 17.89 -13.10
CA ALA B 375 -28.22 16.81 -12.15
C ALA B 375 -29.31 17.29 -11.19
N MET B 376 -29.21 18.56 -10.77
CA MET B 376 -30.17 19.15 -9.86
C MET B 376 -31.53 19.22 -10.54
N ASP B 377 -31.53 19.64 -11.81
CA ASP B 377 -32.79 19.74 -12.59
C ASP B 377 -33.44 18.37 -12.76
N ARG B 378 -32.62 17.36 -13.06
CA ARG B 378 -33.09 15.97 -13.24
C ARG B 378 -33.71 15.43 -11.96
N MET B 379 -33.03 15.65 -10.84
CA MET B 379 -33.50 15.22 -9.56
C MET B 379 -34.81 15.89 -9.18
N GLU B 380 -34.89 17.21 -9.39
CA GLU B 380 -36.09 17.97 -9.07
C GLU B 380 -37.26 17.51 -9.93
N ARG B 381 -36.98 17.19 -11.19
CA ARG B 381 -38.03 16.72 -12.12
C ARG B 381 -38.68 15.44 -11.56
N VAL B 382 -37.85 14.46 -11.22
CA VAL B 382 -38.33 13.18 -10.68
C VAL B 382 -39.09 13.36 -9.36
N LEU B 383 -38.53 14.13 -8.43
CA LEU B 383 -39.17 14.38 -7.13
C LEU B 383 -40.58 14.93 -7.30
N LYS B 384 -40.72 15.92 -8.17
CA LYS B 384 -41.99 16.56 -8.42
C LYS B 384 -42.96 15.69 -9.23
N GLU B 385 -42.44 14.94 -10.20
CA GLU B 385 -43.30 14.08 -11.00
C GLU B 385 -43.81 12.90 -10.19
N ARG B 386 -42.97 12.40 -9.27
CA ARG B 386 -43.33 11.27 -8.41
C ARG B 386 -44.06 11.70 -7.14
N LYS B 387 -44.29 13.00 -7.00
CA LYS B 387 -45.00 13.57 -5.83
C LYS B 387 -44.31 13.23 -4.50
N LEU B 388 -42.98 13.25 -4.50
CA LEU B 388 -42.19 12.95 -3.33
C LEU B 388 -41.90 14.19 -2.49
N VAL B 389 -42.25 15.36 -3.04
CA VAL B 389 -42.06 16.63 -2.36
C VAL B 389 -43.32 17.49 -2.51
N GLU C . 13.54 -6.54 -2.08
CA GLU C . 14.22 -6.53 -0.79
C GLU C . 15.07 -7.79 -0.50
O GLU C . 15.42 -8.03 0.69
CB GLU C . 13.34 -6.12 0.42
CG GLU C . 12.76 -4.63 0.41
CD GLU C . 13.82 -3.54 0.06
OE1 GLU C . 15.03 -3.87 -0.01
OE2 GLU C . 13.46 -2.36 -0.16
OXT GLU C . 15.52 -8.37 -1.51
N GLU D . -11.80 9.42 -0.88
CA GLU D . -12.92 8.63 -1.34
C GLU D . -14.21 9.03 -0.63
O GLU D . -15.19 8.16 -0.58
CB GLU D . -12.65 7.13 -1.13
CG GLU D . -11.43 6.62 -1.89
CD GLU D . -11.57 6.78 -3.39
OE1 GLU D . -12.62 7.29 -3.84
OE2 GLU D . -10.63 6.41 -4.11
OXT GLU D . -14.37 10.17 -0.21
N1 PLP E . 9.85 -10.59 -3.69
C2 PLP E . 11.24 -10.80 -3.56
C2A PLP E . 11.87 -12.25 -3.62
C3 PLP E . 12.10 -9.69 -3.36
O3 PLP E . 13.40 -9.92 -3.15
C4 PLP E . 11.60 -8.36 -3.28
C4A PLP E . 12.59 -7.19 -3.02
C5 PLP E . 10.15 -8.20 -3.44
C6 PLP E . 9.31 -9.33 -3.64
C5A PLP E . 9.41 -6.85 -3.33
O4P PLP E . 9.48 -6.02 -4.54
P PLP E . 8.53 -4.77 -4.85
O1P PLP E . 7.96 -5.03 -6.17
O2P PLP E . 9.56 -3.62 -4.95
O3P PLP E . 7.65 -4.55 -3.69
N1 PLP F . -10.08 10.05 4.44
C2 PLP F . -11.28 10.60 3.95
C2A PLP F . -12.34 11.30 4.92
C3 PLP F . -11.60 10.46 2.62
O3 PLP F . -12.77 10.95 2.20
C4 PLP F . -10.70 9.79 1.74
C4A PLP F . -10.89 9.85 0.21
C5 PLP F . -9.48 9.28 2.27
C6 PLP F . -9.20 9.39 3.63
C5A PLP F . -8.45 8.56 1.39
O4P PLP F . -7.71 9.44 0.47
P PLP F . -6.24 9.02 -0.10
O1P PLP F . -5.35 10.04 0.44
O2P PLP F . -6.49 9.25 -1.65
O3P PLP F . -5.94 7.60 0.12
#